data_7XQL
#
_entry.id   7XQL
#
_cell.length_a   75.606
_cell.length_b   77.833
_cell.length_c   170.656
_cell.angle_alpha   90.000
_cell.angle_beta   90.000
_cell.angle_gamma   90.000
#
_symmetry.space_group_name_H-M   'P 21 21 21'
#
loop_
_entity.id
_entity.type
_entity.pdbx_description
1 polymer 'Ankyrin repeat-containing protein'
2 non-polymer 'PHOSPHOAMINOPHOSPHONIC ACID-GUANYLATE ESTER'
3 water water
#
_entity_poly.entity_id   1
_entity_poly.type   'polypeptide(L)'
_entity_poly.pdbx_seq_one_letter_code
;MLTPPPDSKISTTDKSLDKLSAPLDMLKQMNESTMEQTKLDELRKKMSLQAEILNKAKADNDMFFRLLIELMSLKLQGEL
FKEQLSKISKESGYDSAQSALIQATNSEGQSPLQYALQKQDFSTAKYFLDNGAKAGPIEKAVFEIALDSKAAKEFGFPPL
PPEKEKLHPVKNFGLVLGIKTTSVDGTPSQFGHIAPTYQLMTDSVSHFAKSHPGNKNFQEIANAFQFSNEASAFKFSTPQ
RNPEAGNDLARRIQGGELTTIPVSCKGHAMGLSYVPDGPGSKSGYLVYTNRGLGAKSSEHGTHIFRIEDSSKITPEFINN
MTSGHSNGASHDEIMSQIKAAAGNKEPIHHIKQKGQKNDNCTIANSKSNIEGILLCQKAREVGGFDKLTESDMDSVKKEY
KEFTKHMRVEKVNELAKALKENPQDPDLNNLTKEYLKQHPNADPKLKQTLETALKQASESSMTLSQPGKTI
;
_entity_poly.pdbx_strand_id   B,A
#
# COMPACT_ATOMS: atom_id res chain seq x y z
N LYS A 19 -2.55 25.43 5.90
CA LYS A 19 -2.01 24.44 4.98
C LYS A 19 -3.00 24.12 3.86
N LEU A 20 -3.94 23.21 4.11
CA LEU A 20 -4.92 22.79 3.09
C LEU A 20 -6.16 23.70 3.13
N SER A 21 -5.99 24.90 2.56
CA SER A 21 -7.08 25.80 2.23
C SER A 21 -7.66 25.56 0.83
N ALA A 22 -6.96 24.82 -0.03
CA ALA A 22 -7.59 24.40 -1.28
C ALA A 22 -8.87 23.61 -1.04
N PRO A 23 -8.89 22.64 -0.13
CA PRO A 23 -10.16 21.94 0.13
C PRO A 23 -11.27 22.84 0.62
N LEU A 24 -10.96 23.77 1.54
CA LEU A 24 -11.97 24.72 1.99
C LEU A 24 -12.49 25.54 0.82
N ASP A 25 -11.58 26.06 -0.01
CA ASP A 25 -11.95 26.84 -1.18
C ASP A 25 -12.89 26.05 -2.10
N MET A 26 -12.57 24.79 -2.37
CA MET A 26 -13.41 23.99 -3.24
C MET A 26 -14.80 23.78 -2.65
N LEU A 27 -14.89 23.56 -1.33
CA LEU A 27 -16.20 23.39 -0.71
C LEU A 27 -17.01 24.67 -0.79
N LYS A 28 -16.37 25.82 -0.53
CA LYS A 28 -17.01 27.11 -0.73
C LYS A 28 -17.54 27.26 -2.15
N GLN A 29 -16.66 27.03 -3.14
CA GLN A 29 -17.07 27.08 -4.54
C GLN A 29 -18.25 26.14 -4.81
N MET A 30 -18.17 24.89 -4.32
CA MET A 30 -19.24 23.95 -4.57
C MET A 30 -20.56 24.46 -4.02
N ASN A 31 -20.52 25.14 -2.87
CA ASN A 31 -21.75 25.66 -2.27
C ASN A 31 -22.24 26.91 -2.97
N GLU A 32 -21.33 27.81 -3.36
CA GLU A 32 -21.71 28.98 -4.15
C GLU A 32 -22.36 28.60 -5.47
N SER A 33 -21.87 27.51 -6.08
CA SER A 33 -22.30 27.08 -7.39
C SER A 33 -23.48 26.10 -7.34
N THR A 34 -24.06 25.90 -6.17
CA THR A 34 -25.14 24.95 -6.01
C THR A 34 -26.42 25.50 -6.64
N MET A 35 -27.17 24.64 -7.30
CA MET A 35 -28.45 25.01 -7.87
C MET A 35 -29.41 23.86 -7.63
N GLU A 36 -30.67 24.20 -7.39
CA GLU A 36 -31.73 23.21 -7.52
C GLU A 36 -31.75 22.66 -8.94
N GLN A 37 -32.24 21.44 -9.08
CA GLN A 37 -32.27 20.81 -10.40
C GLN A 37 -33.08 21.65 -11.39
N THR A 38 -34.23 22.18 -10.98
CA THR A 38 -35.08 22.92 -11.93
C THR A 38 -34.38 24.22 -12.37
N LYS A 39 -33.74 24.91 -11.43
CA LYS A 39 -32.93 26.08 -11.80
C LYS A 39 -31.82 25.71 -12.79
N LEU A 40 -31.11 24.61 -12.52
CA LEU A 40 -30.05 24.22 -13.43
C LEU A 40 -30.60 23.88 -14.81
N ASP A 41 -31.79 23.25 -14.85
CA ASP A 41 -32.43 22.92 -16.13
C ASP A 41 -32.84 24.18 -16.88
N GLU A 42 -33.35 25.19 -16.14
CA GLU A 42 -33.63 26.49 -16.73
C GLU A 42 -32.38 27.08 -17.36
N LEU A 43 -31.32 27.21 -16.56
CA LEU A 43 -30.07 27.77 -17.06
C LEU A 43 -29.65 27.06 -18.35
N ARG A 44 -29.68 25.71 -18.34
CA ARG A 44 -29.30 24.97 -19.52
C ARG A 44 -30.25 25.25 -20.67
N LYS A 45 -31.56 25.30 -20.39
CA LYS A 45 -32.51 25.53 -21.47
C LYS A 45 -32.33 26.94 -22.04
N LYS A 46 -32.12 27.93 -21.18
CA LYS A 46 -31.90 29.29 -21.65
C LYS A 46 -30.64 29.40 -22.49
N MET A 47 -29.59 28.65 -22.15
CA MET A 47 -28.41 28.64 -23.00
C MET A 47 -28.64 27.90 -24.32
N SER A 48 -29.60 26.96 -24.34
CA SER A 48 -29.96 26.34 -25.61
C SER A 48 -30.68 27.34 -26.53
N LEU A 49 -31.57 28.16 -25.98
CA LEU A 49 -32.19 29.22 -26.78
C LEU A 49 -31.14 30.16 -27.35
N GLN A 50 -30.15 30.54 -26.54
CA GLN A 50 -29.09 31.41 -27.04
C GLN A 50 -28.25 30.71 -28.09
N ALA A 51 -28.01 29.41 -27.93
CA ALA A 51 -27.31 28.65 -28.97
C ALA A 51 -28.07 28.70 -30.29
N GLU A 52 -29.40 28.64 -30.23
CA GLU A 52 -30.22 28.65 -31.45
C GLU A 52 -30.23 30.02 -32.11
N ILE A 53 -30.19 31.10 -31.31
CA ILE A 53 -30.05 32.43 -31.87
C ILE A 53 -28.78 32.52 -32.71
N LEU A 54 -27.63 32.18 -32.11
CA LEU A 54 -26.38 32.19 -32.86
C LEU A 54 -26.41 31.24 -34.05
N ASN A 55 -27.17 30.15 -33.95
CA ASN A 55 -27.38 29.23 -35.07
C ASN A 55 -26.03 28.75 -35.64
N LYS A 56 -25.07 28.50 -34.76
CA LYS A 56 -23.84 27.86 -35.20
C LYS A 56 -24.01 26.34 -35.10
N ALA A 57 -22.96 25.60 -35.47
CA ALA A 57 -23.04 24.14 -35.51
C ALA A 57 -23.38 23.57 -34.14
N LYS A 58 -24.01 22.39 -34.15
CA LYS A 58 -24.34 21.71 -32.91
C LYS A 58 -23.07 21.27 -32.18
N ALA A 59 -23.06 21.40 -30.86
CA ALA A 59 -21.94 20.91 -30.07
C ALA A 59 -21.86 19.38 -30.12
N ASP A 60 -20.63 18.86 -30.09
CA ASP A 60 -20.37 17.43 -30.17
C ASP A 60 -19.91 16.93 -28.80
N ASN A 61 -20.86 16.50 -27.96
CA ASN A 61 -20.54 16.10 -26.59
C ASN A 61 -19.56 14.95 -26.57
N ASP A 62 -19.77 13.95 -27.41
CA ASP A 62 -18.86 12.81 -27.41
C ASP A 62 -17.44 13.25 -27.72
N MET A 63 -17.26 14.17 -28.66
CA MET A 63 -15.92 14.65 -28.95
C MET A 63 -15.35 15.41 -27.75
N PHE A 64 -16.16 16.26 -27.12
CA PHE A 64 -15.70 16.99 -25.93
C PHE A 64 -15.20 16.02 -24.85
N PHE A 65 -16.01 15.01 -24.53
CA PHE A 65 -15.59 14.10 -23.45
C PHE A 65 -14.35 13.31 -23.85
N ARG A 66 -14.28 12.85 -25.11
CA ARG A 66 -13.07 12.20 -25.58
C ARG A 66 -11.84 13.08 -25.35
N LEU A 67 -11.92 14.34 -25.81
CA LEU A 67 -10.80 15.27 -25.63
C LEU A 67 -10.59 15.57 -24.15
N LEU A 68 -11.68 15.71 -23.41
CA LEU A 68 -11.56 15.98 -21.97
C LEU A 68 -10.80 14.87 -21.27
N ILE A 69 -11.17 13.61 -21.53
CA ILE A 69 -10.52 12.49 -20.84
C ILE A 69 -9.05 12.39 -21.24
N GLU A 70 -8.76 12.68 -22.51
CA GLU A 70 -7.35 12.73 -22.92
C GLU A 70 -6.62 13.85 -22.18
N LEU A 71 -7.25 15.03 -22.09
CA LEU A 71 -6.63 16.15 -21.41
C LEU A 71 -6.33 15.81 -19.94
N MET A 72 -7.27 15.19 -19.25
CA MET A 72 -7.08 14.88 -17.82
C MET A 72 -5.93 13.91 -17.61
N SER A 73 -5.75 12.95 -18.51
CA SER A 73 -4.67 11.98 -18.34
C SER A 73 -3.29 12.61 -18.48
N LEU A 74 -3.18 13.79 -19.12
CA LEU A 74 -1.89 14.45 -19.22
C LEU A 74 -1.38 15.00 -17.88
N LYS A 75 -2.25 15.09 -16.88
CA LYS A 75 -1.87 15.57 -15.55
C LYS A 75 -1.17 16.92 -15.63
N LEU A 76 -1.81 17.87 -16.30
CA LEU A 76 -1.23 19.19 -16.50
C LEU A 76 -1.46 20.08 -15.30
N GLN A 77 -0.61 21.09 -15.17
CA GLN A 77 -0.77 22.09 -14.13
C GLN A 77 -1.90 23.05 -14.47
N GLY A 78 -2.50 23.62 -13.43
CA GLY A 78 -3.70 24.42 -13.53
C GLY A 78 -3.86 25.32 -14.74
N GLU A 79 -2.87 26.18 -15.00
CA GLU A 79 -3.05 27.23 -16.00
C GLU A 79 -3.04 26.64 -17.42
N LEU A 80 -2.05 25.79 -17.71
CA LEU A 80 -2.05 25.06 -18.97
C LEU A 80 -3.32 24.24 -19.13
N PHE A 81 -3.74 23.55 -18.05
CA PHE A 81 -4.99 22.80 -18.12
C PHE A 81 -6.14 23.69 -18.57
N LYS A 82 -6.21 24.89 -18.00
CA LYS A 82 -7.37 25.74 -18.29
C LYS A 82 -7.33 26.23 -19.73
N GLU A 83 -6.13 26.50 -20.26
CA GLU A 83 -6.00 26.87 -21.67
C GLU A 83 -6.44 25.73 -22.59
N GLN A 84 -5.94 24.51 -22.31
CA GLN A 84 -6.34 23.37 -23.12
C GLN A 84 -7.83 23.12 -23.02
N LEU A 85 -8.41 23.31 -21.83
CA LEU A 85 -9.84 23.14 -21.67
C LEU A 85 -10.60 24.11 -22.58
N SER A 86 -10.08 25.33 -22.78
CA SER A 86 -10.74 26.28 -23.68
C SER A 86 -10.68 25.80 -25.13
N LYS A 87 -9.50 25.35 -25.56
CA LYS A 87 -9.35 24.91 -26.94
C LYS A 87 -10.28 23.76 -27.26
N ILE A 88 -10.35 22.76 -26.38
CA ILE A 88 -11.15 21.58 -26.76
C ILE A 88 -12.64 21.89 -26.67
N SER A 89 -13.04 22.79 -25.78
CA SER A 89 -14.42 23.24 -25.80
C SER A 89 -14.77 23.81 -27.16
N LYS A 90 -13.96 24.76 -27.63
CA LYS A 90 -14.18 25.36 -28.93
C LYS A 90 -14.10 24.31 -30.04
N GLU A 91 -13.07 23.47 -30.02
CA GLU A 91 -13.01 22.42 -31.03
C GLU A 91 -14.27 21.56 -31.04
N SER A 92 -14.98 21.49 -29.92
CA SER A 92 -16.15 20.63 -29.81
C SER A 92 -17.46 21.34 -30.17
N GLY A 93 -17.40 22.63 -30.48
CA GLY A 93 -18.59 23.38 -30.83
C GLY A 93 -19.18 24.24 -29.74
N TYR A 94 -18.47 24.46 -28.64
CA TYR A 94 -18.92 25.39 -27.60
C TYR A 94 -18.18 26.72 -27.71
N ASP A 95 -18.84 27.79 -27.25
CA ASP A 95 -18.24 29.12 -27.26
C ASP A 95 -17.07 29.24 -26.29
N SER A 96 -17.12 28.49 -25.18
CA SER A 96 -16.21 28.68 -24.07
C SER A 96 -16.19 27.42 -23.23
N ALA A 97 -15.16 27.31 -22.39
CA ALA A 97 -15.10 26.23 -21.42
C ALA A 97 -16.33 26.25 -20.50
N GLN A 98 -16.75 27.44 -20.09
CA GLN A 98 -17.90 27.54 -19.19
C GLN A 98 -19.18 27.03 -19.87
N SER A 99 -19.32 27.34 -21.16
CA SER A 99 -20.50 26.88 -21.88
C SER A 99 -20.52 25.35 -21.96
N ALA A 100 -19.38 24.76 -22.32
CA ALA A 100 -19.27 23.31 -22.32
C ALA A 100 -19.49 22.73 -20.91
N LEU A 101 -18.88 23.32 -19.89
CA LEU A 101 -19.03 22.76 -18.55
C LEU A 101 -20.48 22.76 -18.10
N ILE A 102 -21.26 23.77 -18.47
CA ILE A 102 -22.62 23.81 -17.95
C ILE A 102 -23.58 22.92 -18.74
N GLN A 103 -23.25 22.57 -19.99
CA GLN A 103 -24.19 21.92 -20.88
C GLN A 103 -23.84 20.49 -21.28
N ALA A 104 -22.57 20.15 -21.44
CA ALA A 104 -22.24 18.82 -21.93
C ALA A 104 -22.61 17.73 -20.93
N THR A 105 -22.98 16.58 -21.47
CA THR A 105 -23.14 15.35 -20.70
C THR A 105 -22.67 14.20 -21.58
N ASN A 106 -22.13 13.15 -20.95
CA ASN A 106 -21.65 12.00 -21.70
C ASN A 106 -22.77 10.97 -21.84
N SER A 107 -22.46 9.79 -22.39
CA SER A 107 -23.49 8.78 -22.58
C SER A 107 -23.98 8.16 -21.28
N GLU A 108 -23.22 8.27 -20.18
CA GLU A 108 -23.76 7.84 -18.90
C GLU A 108 -24.66 8.91 -18.28
N GLY A 109 -24.82 10.05 -18.95
CA GLY A 109 -25.55 11.16 -18.37
C GLY A 109 -24.76 12.01 -17.38
N GLN A 110 -23.44 11.83 -17.28
CA GLN A 110 -22.64 12.65 -16.35
C GLN A 110 -22.28 13.99 -16.96
N SER A 111 -22.43 15.06 -16.19
CA SER A 111 -21.77 16.29 -16.55
C SER A 111 -20.25 16.16 -16.38
N PRO A 112 -19.48 17.10 -16.91
CA PRO A 112 -18.02 17.04 -16.70
C PRO A 112 -17.63 17.10 -15.22
N LEU A 113 -18.31 17.92 -14.43
CA LEU A 113 -18.01 18.02 -13.01
C LEU A 113 -18.34 16.72 -12.28
N GLN A 114 -19.52 16.15 -12.55
CA GLN A 114 -19.86 14.82 -12.04
C GLN A 114 -18.79 13.81 -12.43
N TYR A 115 -18.32 13.86 -13.68
CA TYR A 115 -17.33 12.90 -14.13
C TYR A 115 -16.03 13.03 -13.33
N ALA A 116 -15.54 14.26 -13.16
CA ALA A 116 -14.29 14.46 -12.43
C ALA A 116 -14.42 14.02 -10.97
N LEU A 117 -15.57 14.30 -10.35
CA LEU A 117 -15.79 13.88 -8.97
C LEU A 117 -15.90 12.36 -8.86
N GLN A 118 -16.67 11.74 -9.75
CA GLN A 118 -16.78 10.28 -9.74
C GLN A 118 -15.42 9.62 -9.86
N LYS A 119 -14.52 10.20 -10.68
CA LYS A 119 -13.16 9.70 -10.82
C LYS A 119 -12.26 10.12 -9.65
N GLN A 120 -12.79 10.88 -8.70
CA GLN A 120 -12.01 11.35 -7.55
C GLN A 120 -10.85 12.22 -8.00
N ASP A 121 -11.03 12.97 -9.10
CA ASP A 121 -10.01 13.90 -9.59
C ASP A 121 -10.35 15.29 -9.08
N PHE A 122 -10.02 15.55 -7.83
CA PHE A 122 -10.49 16.76 -7.19
C PHE A 122 -9.81 18.00 -7.76
N SER A 123 -8.56 17.89 -8.22
CA SER A 123 -7.91 19.03 -8.89
C SER A 123 -8.67 19.45 -10.15
N THR A 124 -9.06 18.48 -10.98
CA THR A 124 -9.82 18.82 -12.18
C THR A 124 -11.19 19.37 -11.82
N ALA A 125 -11.86 18.73 -10.85
CA ALA A 125 -13.15 19.24 -10.41
C ALA A 125 -13.05 20.71 -9.98
N LYS A 126 -11.95 21.08 -9.32
CA LYS A 126 -11.83 22.45 -8.85
C LYS A 126 -11.59 23.41 -10.01
N TYR A 127 -10.74 23.01 -10.98
CA TYR A 127 -10.60 23.81 -12.19
C TYR A 127 -11.93 24.02 -12.88
N PHE A 128 -12.76 22.97 -12.98
CA PHE A 128 -14.10 23.11 -13.55
C PHE A 128 -14.90 24.15 -12.79
N LEU A 129 -14.87 24.07 -11.45
CA LEU A 129 -15.58 25.08 -10.66
C LEU A 129 -15.02 26.47 -10.93
N ASP A 130 -13.68 26.63 -10.94
CA ASP A 130 -13.10 27.93 -11.29
C ASP A 130 -13.66 28.46 -12.62
N ASN A 131 -13.97 27.56 -13.56
CA ASN A 131 -14.46 27.98 -14.88
C ASN A 131 -15.97 28.02 -14.97
N GLY A 132 -16.67 27.98 -13.84
CA GLY A 132 -18.10 28.24 -13.82
C GLY A 132 -19.03 27.04 -13.81
N ALA A 133 -18.50 25.82 -13.71
CA ALA A 133 -19.37 24.65 -13.67
C ALA A 133 -20.30 24.74 -12.46
N LYS A 134 -21.50 24.21 -12.62
CA LYS A 134 -22.56 24.26 -11.63
C LYS A 134 -22.70 22.92 -10.94
N ALA A 135 -23.07 22.96 -9.67
CA ALA A 135 -23.28 21.76 -8.85
C ALA A 135 -24.76 21.63 -8.53
N GLY A 136 -25.46 20.82 -9.32
CA GLY A 136 -26.80 20.42 -8.97
C GLY A 136 -26.81 19.33 -7.91
N PRO A 137 -28.01 18.85 -7.58
CA PRO A 137 -28.12 17.80 -6.55
C PRO A 137 -27.31 16.55 -6.87
N ILE A 138 -27.23 16.16 -8.14
CA ILE A 138 -26.49 14.97 -8.52
C ILE A 138 -24.98 15.19 -8.33
N GLU A 139 -24.47 16.31 -8.80
CA GLU A 139 -23.06 16.60 -8.58
C GLU A 139 -22.74 16.55 -7.08
N LYS A 140 -23.63 17.09 -6.25
CA LYS A 140 -23.32 17.13 -4.82
C LYS A 140 -23.37 15.74 -4.19
N ALA A 141 -24.30 14.88 -4.63
CA ALA A 141 -24.34 13.53 -4.10
C ALA A 141 -23.10 12.74 -4.49
N VAL A 142 -22.66 12.88 -5.75
CA VAL A 142 -21.46 12.20 -6.23
C VAL A 142 -20.23 12.75 -5.49
N PHE A 143 -20.21 14.05 -5.22
CA PHE A 143 -19.15 14.63 -4.39
C PHE A 143 -19.11 14.01 -3.00
N GLU A 144 -20.27 13.92 -2.33
CA GLU A 144 -20.30 13.35 -0.98
C GLU A 144 -19.78 11.91 -0.98
N ILE A 145 -20.12 11.12 -2.00
CA ILE A 145 -19.58 9.76 -2.09
C ILE A 145 -18.07 9.80 -2.26
N ALA A 146 -17.59 10.69 -3.14
CA ALA A 146 -16.15 10.79 -3.40
C ALA A 146 -15.40 11.33 -2.19
N LEU A 147 -16.09 12.05 -1.31
CA LEU A 147 -15.47 12.54 -0.09
C LEU A 147 -15.01 11.39 0.81
N ASP A 148 -15.64 10.22 0.74
CA ASP A 148 -15.18 9.09 1.54
C ASP A 148 -14.23 8.24 0.69
N SER A 149 -12.99 8.69 0.61
CA SER A 149 -12.00 7.98 -0.20
C SER A 149 -10.62 8.42 0.24
N LYS A 150 -9.63 7.57 -0.04
CA LYS A 150 -8.24 7.94 0.22
C LYS A 150 -7.87 9.19 -0.57
N ALA A 151 -8.34 9.33 -1.82
CA ALA A 151 -8.02 10.52 -2.60
C ALA A 151 -8.57 11.78 -1.97
N ALA A 152 -9.74 11.69 -1.35
CA ALA A 152 -10.27 12.86 -0.65
C ALA A 152 -9.41 13.21 0.56
N LYS A 153 -9.02 12.22 1.34
CA LYS A 153 -8.13 12.51 2.46
C LYS A 153 -6.84 13.16 1.98
N GLU A 154 -6.21 12.57 0.95
CA GLU A 154 -4.92 13.11 0.50
C GLU A 154 -5.07 14.51 -0.07
N PHE A 155 -6.25 14.86 -0.57
CA PHE A 155 -6.50 16.23 -1.02
C PHE A 155 -6.65 17.19 0.16
N GLY A 156 -6.81 16.68 1.37
CA GLY A 156 -6.97 17.51 2.55
C GLY A 156 -8.38 17.61 3.11
N PHE A 157 -9.34 16.89 2.53
CA PHE A 157 -10.70 16.95 3.07
C PHE A 157 -10.77 16.26 4.43
N PRO A 158 -11.68 16.69 5.30
CA PRO A 158 -11.90 15.98 6.56
C PRO A 158 -12.81 14.78 6.33
N PRO A 159 -12.94 13.91 7.33
CA PRO A 159 -13.96 12.85 7.25
C PRO A 159 -15.36 13.44 7.18
N LEU A 160 -16.27 12.70 6.56
CA LEU A 160 -17.66 13.15 6.48
C LEU A 160 -18.26 13.28 7.89
N PRO A 161 -19.08 14.30 8.13
CA PRO A 161 -19.77 14.41 9.43
C PRO A 161 -20.66 13.20 9.69
N PRO A 162 -20.71 12.71 10.93
CA PRO A 162 -21.50 11.51 11.21
C PRO A 162 -22.98 11.63 10.87
N GLU A 163 -23.52 12.85 10.74
CA GLU A 163 -24.91 13.01 10.33
C GLU A 163 -25.21 12.32 9.00
N LYS A 164 -24.22 12.30 8.10
CA LYS A 164 -24.43 11.77 6.76
C LYS A 164 -24.36 10.25 6.71
N GLU A 165 -24.16 9.61 7.86
CA GLU A 165 -24.13 8.15 7.91
C GLU A 165 -25.52 7.56 7.76
N LYS A 166 -26.54 8.26 8.25
CA LYS A 166 -27.90 7.77 8.14
C LYS A 166 -28.41 7.85 6.71
N LEU A 167 -29.15 6.83 6.28
CA LEU A 167 -29.74 6.82 4.96
C LEU A 167 -30.92 7.78 4.92
N HIS A 168 -30.84 8.78 4.06
CA HIS A 168 -31.94 9.71 3.91
C HIS A 168 -33.20 8.97 3.47
N PRO A 169 -34.37 9.33 4.01
CA PRO A 169 -35.61 8.66 3.57
C PRO A 169 -35.84 8.70 2.07
N VAL A 170 -35.44 9.77 1.38
CA VAL A 170 -35.66 9.80 -0.07
C VAL A 170 -34.81 8.74 -0.75
N LYS A 171 -33.69 8.35 -0.15
CA LYS A 171 -32.88 7.28 -0.72
C LYS A 171 -33.37 5.91 -0.27
N ASN A 172 -33.76 5.79 1.00
CA ASN A 172 -34.30 4.52 1.49
C ASN A 172 -35.45 4.06 0.60
N PHE A 173 -36.46 4.91 0.44
CA PHE A 173 -37.56 4.54 -0.45
C PHE A 173 -37.17 4.67 -1.92
N GLY A 174 -36.43 5.73 -2.28
CA GLY A 174 -36.10 5.96 -3.67
C GLY A 174 -35.32 4.83 -4.32
N LEU A 175 -34.32 4.30 -3.60
CA LEU A 175 -33.46 3.24 -4.15
C LEU A 175 -34.15 1.89 -4.20
N VAL A 176 -34.98 1.57 -3.19
CA VAL A 176 -35.65 0.27 -3.18
C VAL A 176 -36.78 0.25 -4.21
N LEU A 177 -37.60 1.30 -4.22
CA LEU A 177 -38.80 1.32 -5.04
C LEU A 177 -38.54 1.85 -6.44
N GLY A 178 -37.35 2.42 -6.70
CA GLY A 178 -37.06 3.00 -7.99
C GLY A 178 -37.77 4.31 -8.23
N ILE A 179 -37.69 5.24 -7.29
CA ILE A 179 -38.32 6.56 -7.40
C ILE A 179 -37.22 7.57 -7.62
N LYS A 180 -37.27 8.31 -8.72
CA LYS A 180 -36.37 9.43 -8.96
C LYS A 180 -37.05 10.68 -8.44
N THR A 181 -36.46 11.29 -7.41
CA THR A 181 -36.95 12.55 -6.88
C THR A 181 -35.86 13.16 -6.01
N THR A 182 -36.17 14.35 -5.48
CA THR A 182 -35.26 15.11 -4.65
C THR A 182 -36.01 15.51 -3.38
N SER A 183 -35.33 15.39 -2.26
CA SER A 183 -35.86 15.88 -1.00
C SER A 183 -35.97 17.41 -1.04
N VAL A 184 -36.81 17.95 -0.15
CA VAL A 184 -36.89 19.40 -0.01
C VAL A 184 -35.56 20.01 0.44
N ASP A 185 -34.70 19.23 1.09
CA ASP A 185 -33.41 19.76 1.54
C ASP A 185 -32.32 19.68 0.48
N GLY A 186 -32.64 19.26 -0.74
CA GLY A 186 -31.67 19.13 -1.80
C GLY A 186 -31.16 17.73 -2.05
N THR A 187 -31.46 16.77 -1.18
CA THR A 187 -30.88 15.44 -1.28
C THR A 187 -31.59 14.62 -2.34
N PRO A 188 -30.90 14.15 -3.38
CA PRO A 188 -31.53 13.28 -4.37
C PRO A 188 -31.68 11.85 -3.87
N SER A 189 -32.57 11.12 -4.52
CA SER A 189 -32.78 9.73 -4.13
C SER A 189 -31.73 8.79 -4.70
N GLN A 190 -30.86 9.25 -5.60
CA GLN A 190 -30.10 8.34 -6.45
C GLN A 190 -28.84 7.75 -5.81
N PHE A 191 -27.91 8.54 -5.33
CA PHE A 191 -26.62 7.94 -4.95
C PHE A 191 -26.55 7.66 -3.44
N GLY A 192 -26.00 6.50 -3.06
CA GLY A 192 -25.96 6.12 -1.65
C GLY A 192 -24.61 5.56 -1.26
N HIS A 193 -24.30 5.66 0.03
CA HIS A 193 -23.08 5.03 0.52
C HIS A 193 -23.28 3.52 0.62
N ILE A 194 -22.15 2.80 0.65
CA ILE A 194 -22.22 1.34 0.68
C ILE A 194 -22.75 0.82 2.02
N ALA A 195 -22.33 1.41 3.15
CA ALA A 195 -22.67 0.85 4.46
C ALA A 195 -24.18 0.75 4.67
N PRO A 196 -24.94 1.84 4.59
CA PRO A 196 -26.37 1.74 4.87
C PRO A 196 -27.13 0.98 3.81
N THR A 197 -26.66 1.00 2.55
CA THR A 197 -27.37 0.26 1.51
C THR A 197 -27.09 -1.24 1.60
N TYR A 198 -25.86 -1.63 1.95
CA TYR A 198 -25.62 -3.04 2.16
C TYR A 198 -26.40 -3.56 3.36
N GLN A 199 -26.49 -2.76 4.42
CA GLN A 199 -27.29 -3.14 5.59
C GLN A 199 -28.75 -3.34 5.20
N LEU A 200 -29.27 -2.45 4.35
CA LEU A 200 -30.66 -2.57 3.90
C LEU A 200 -30.86 -3.85 3.07
N MET A 201 -29.93 -4.19 2.18
CA MET A 201 -29.99 -5.48 1.49
C MET A 201 -29.92 -6.65 2.48
N THR A 202 -29.06 -6.56 3.48
CA THR A 202 -28.93 -7.66 4.42
C THR A 202 -30.23 -7.86 5.18
N ASP A 203 -30.87 -6.75 5.57
CA ASP A 203 -32.16 -6.85 6.25
C ASP A 203 -33.25 -7.38 5.32
N SER A 204 -33.27 -6.92 4.08
CA SER A 204 -34.32 -7.37 3.16
C SER A 204 -34.20 -8.85 2.90
N VAL A 205 -32.99 -9.34 2.69
CA VAL A 205 -32.82 -10.76 2.45
C VAL A 205 -33.15 -11.57 3.69
N SER A 206 -32.79 -11.05 4.87
CA SER A 206 -33.01 -11.81 6.10
C SER A 206 -34.48 -11.84 6.46
N HIS A 207 -35.17 -10.71 6.29
CA HIS A 207 -36.61 -10.67 6.50
C HIS A 207 -37.33 -11.66 5.59
N PHE A 208 -36.92 -11.76 4.32
CA PHE A 208 -37.55 -12.73 3.43
C PHE A 208 -37.28 -14.15 3.88
N ALA A 209 -36.02 -14.44 4.25
CA ALA A 209 -35.67 -15.78 4.70
C ALA A 209 -36.50 -16.20 5.91
N LYS A 210 -36.74 -15.26 6.83
CA LYS A 210 -37.43 -15.60 8.07
C LYS A 210 -38.90 -15.83 7.82
N SER A 211 -39.50 -15.07 6.91
CA SER A 211 -40.90 -15.31 6.58
C SER A 211 -41.09 -16.49 5.62
N HIS A 212 -40.00 -17.14 5.20
CA HIS A 212 -40.08 -18.31 4.32
C HIS A 212 -39.06 -19.36 4.79
N PRO A 213 -39.24 -19.90 6.00
CA PRO A 213 -38.27 -20.87 6.52
C PRO A 213 -38.14 -22.14 5.70
N GLY A 214 -39.17 -22.53 4.95
CA GLY A 214 -39.03 -23.68 4.07
C GLY A 214 -38.14 -23.45 2.86
N ASN A 215 -37.77 -22.19 2.59
CA ASN A 215 -36.96 -21.83 1.41
C ASN A 215 -35.49 -21.99 1.75
N LYS A 216 -34.91 -23.12 1.37
CA LYS A 216 -33.54 -23.41 1.77
C LYS A 216 -32.55 -22.47 1.06
N ASN A 217 -32.83 -22.13 -0.21
CA ASN A 217 -31.95 -21.21 -0.95
C ASN A 217 -31.73 -19.93 -0.16
N PHE A 218 -32.82 -19.33 0.32
CA PHE A 218 -32.70 -18.03 0.95
C PHE A 218 -32.16 -18.11 2.37
N GLN A 219 -32.21 -19.28 3.04
CA GLN A 219 -31.46 -19.38 4.30
C GLN A 219 -29.96 -19.22 4.02
N GLU A 220 -29.49 -19.87 2.96
CA GLU A 220 -28.12 -19.74 2.54
C GLU A 220 -27.78 -18.27 2.18
N ILE A 221 -28.67 -17.62 1.43
CA ILE A 221 -28.41 -16.26 0.95
C ILE A 221 -28.41 -15.26 2.11
N ALA A 222 -29.42 -15.33 2.98
CA ALA A 222 -29.43 -14.47 4.16
C ALA A 222 -28.18 -14.70 5.00
N ASN A 223 -27.82 -15.97 5.22
CA ASN A 223 -26.63 -16.22 6.02
C ASN A 223 -25.41 -15.57 5.38
N ALA A 224 -25.29 -15.67 4.04
CA ALA A 224 -24.13 -15.08 3.36
C ALA A 224 -24.10 -13.57 3.50
N PHE A 225 -25.24 -12.89 3.31
CA PHE A 225 -25.24 -11.43 3.43
C PHE A 225 -24.87 -11.00 4.85
N GLN A 226 -25.46 -11.65 5.85
CA GLN A 226 -25.14 -11.33 7.24
C GLN A 226 -23.65 -11.45 7.52
N PHE A 227 -23.04 -12.54 7.05
CA PHE A 227 -21.61 -12.74 7.24
C PHE A 227 -20.80 -11.62 6.62
N SER A 228 -21.03 -11.34 5.32
CA SER A 228 -20.24 -10.31 4.64
C SER A 228 -20.54 -8.93 5.20
N ASN A 229 -21.82 -8.64 5.47
CA ASN A 229 -22.19 -7.33 6.01
C ASN A 229 -21.42 -7.04 7.29
N GLU A 230 -21.29 -8.05 8.16
CA GLU A 230 -20.58 -7.83 9.40
C GLU A 230 -19.07 -7.84 9.19
N ALA A 231 -18.54 -8.82 8.44
CA ALA A 231 -17.09 -8.91 8.31
C ALA A 231 -16.51 -7.73 7.56
N SER A 232 -17.28 -7.16 6.63
CA SER A 232 -16.76 -6.05 5.86
C SER A 232 -16.71 -4.77 6.69
N ALA A 233 -17.67 -4.60 7.60
CA ALA A 233 -17.74 -3.45 8.50
C ALA A 233 -17.50 -2.13 7.75
N PHE A 234 -18.35 -1.86 6.77
CA PHE A 234 -18.27 -0.58 6.07
C PHE A 234 -18.68 0.57 6.99
N LYS A 235 -17.97 1.66 6.86
CA LYS A 235 -18.40 2.95 7.39
C LYS A 235 -18.45 3.89 6.19
N PHE A 236 -19.59 4.51 5.95
CA PHE A 236 -19.85 5.16 4.67
C PHE A 236 -19.55 4.18 3.53
N SER A 237 -18.51 4.43 2.74
CA SER A 237 -18.17 3.52 1.65
C SER A 237 -16.75 2.96 1.75
N THR A 238 -16.21 2.89 2.97
CA THR A 238 -14.85 2.39 3.21
C THR A 238 -14.94 1.20 4.16
N PRO A 239 -14.45 0.02 3.79
CA PRO A 239 -14.43 -1.08 4.75
C PRO A 239 -13.44 -0.79 5.88
N GLN A 240 -13.83 -1.12 7.12
CA GLN A 240 -13.10 -0.65 8.29
C GLN A 240 -12.10 -1.66 8.88
N ARG A 241 -12.01 -2.86 8.35
CA ARG A 241 -11.00 -3.81 8.83
C ARG A 241 -10.41 -4.55 7.64
N ASN A 242 -9.93 -3.77 6.64
CA ASN A 242 -9.63 -4.21 5.27
C ASN A 242 -8.93 -5.54 5.26
N PRO A 243 -7.70 -5.64 5.79
CA PRO A 243 -6.97 -6.90 5.58
C PRO A 243 -7.74 -8.10 6.13
N GLU A 244 -8.25 -8.01 7.37
CA GLU A 244 -8.87 -9.14 8.06
C GLU A 244 -10.14 -9.62 7.38
N ALA A 245 -10.97 -8.67 6.91
CA ALA A 245 -12.24 -9.00 6.27
C ALA A 245 -12.04 -9.94 5.09
N GLY A 246 -11.06 -9.63 4.23
CA GLY A 246 -10.78 -10.49 3.10
C GLY A 246 -10.26 -11.85 3.52
N ASN A 247 -9.54 -11.90 4.64
CA ASN A 247 -9.11 -13.18 5.19
C ASN A 247 -10.33 -14.00 5.60
N ASP A 248 -11.29 -13.34 6.26
CA ASP A 248 -12.51 -14.02 6.66
C ASP A 248 -13.29 -14.53 5.44
N LEU A 249 -13.53 -13.65 4.47
CA LEU A 249 -14.36 -14.06 3.33
C LEU A 249 -13.68 -15.16 2.54
N ALA A 250 -12.37 -15.04 2.32
CA ALA A 250 -11.65 -16.07 1.56
C ALA A 250 -11.71 -17.40 2.27
N ARG A 251 -11.65 -17.39 3.60
CA ARG A 251 -11.72 -18.62 4.36
C ARG A 251 -13.10 -19.26 4.21
N ARG A 252 -14.15 -18.44 4.30
CA ARG A 252 -15.51 -18.94 4.07
C ARG A 252 -15.62 -19.56 2.68
N ILE A 253 -15.04 -18.92 1.68
CA ILE A 253 -15.10 -19.48 0.33
C ILE A 253 -14.30 -20.79 0.26
N GLN A 254 -13.10 -20.78 0.85
CA GLN A 254 -12.27 -21.98 0.92
C GLN A 254 -13.00 -23.13 1.60
N GLY A 255 -13.78 -22.84 2.63
CA GLY A 255 -14.57 -23.88 3.25
C GLY A 255 -15.79 -24.29 2.46
N GLY A 256 -16.01 -23.75 1.26
CA GLY A 256 -17.19 -24.06 0.47
C GLY A 256 -18.51 -23.56 1.03
N GLU A 257 -18.62 -22.29 1.40
CA GLU A 257 -19.88 -21.68 1.81
C GLU A 257 -20.22 -20.51 0.90
N LEU A 258 -21.51 -20.35 0.61
CA LEU A 258 -21.97 -19.22 -0.21
C LEU A 258 -21.49 -17.92 0.41
N THR A 259 -20.78 -17.11 -0.37
CA THR A 259 -20.16 -15.90 0.17
C THR A 259 -20.41 -14.74 -0.78
N THR A 260 -20.99 -13.65 -0.24
CA THR A 260 -21.08 -12.41 -1.02
C THR A 260 -19.83 -11.57 -0.80
N ILE A 261 -19.49 -10.79 -1.82
CA ILE A 261 -18.29 -9.97 -1.83
C ILE A 261 -18.69 -8.55 -2.19
N PRO A 262 -18.86 -7.65 -1.22
CA PRO A 262 -19.12 -6.25 -1.55
C PRO A 262 -18.03 -5.74 -2.46
N VAL A 263 -18.41 -5.12 -3.55
CA VAL A 263 -17.46 -4.78 -4.60
C VAL A 263 -17.78 -3.40 -5.13
N SER A 264 -16.73 -2.61 -5.36
CA SER A 264 -16.90 -1.25 -5.84
C SER A 264 -15.68 -0.84 -6.64
N CYS A 265 -15.87 0.17 -7.47
CA CYS A 265 -14.75 0.93 -8.00
C CYS A 265 -15.04 2.39 -7.68
N LYS A 266 -14.21 3.33 -8.18
CA LYS A 266 -14.44 4.74 -7.94
C LYS A 266 -15.89 5.16 -8.22
N GLY A 267 -16.64 5.51 -7.18
CA GLY A 267 -17.98 6.03 -7.37
C GLY A 267 -19.00 5.06 -7.92
N HIS A 268 -18.76 3.76 -7.84
CA HIS A 268 -19.72 2.81 -8.38
C HIS A 268 -19.65 1.51 -7.58
N ALA A 269 -20.81 0.91 -7.32
CA ALA A 269 -20.91 -0.39 -6.65
C ALA A 269 -21.41 -1.43 -7.65
N MET A 270 -20.80 -2.60 -7.63
CA MET A 270 -21.23 -3.73 -8.45
C MET A 270 -21.78 -4.83 -7.55
N GLY A 271 -22.05 -5.99 -8.14
CA GLY A 271 -22.47 -7.15 -7.38
C GLY A 271 -21.53 -8.30 -7.63
N LEU A 272 -21.23 -9.05 -6.57
CA LEU A 272 -20.27 -10.16 -6.68
C LEU A 272 -20.52 -11.18 -5.57
N SER A 273 -20.56 -12.45 -5.93
CA SER A 273 -20.77 -13.48 -4.93
C SER A 273 -20.12 -14.78 -5.41
N TYR A 274 -19.84 -15.68 -4.46
CA TYR A 274 -19.29 -17.00 -4.77
C TYR A 274 -20.26 -18.07 -4.30
N VAL A 275 -20.70 -18.93 -5.22
CA VAL A 275 -21.59 -20.04 -4.88
C VAL A 275 -20.80 -21.34 -4.97
N PRO A 276 -20.67 -22.09 -3.88
CA PRO A 276 -19.93 -23.36 -3.90
C PRO A 276 -20.72 -24.51 -4.52
N ASP A 277 -19.98 -25.45 -5.13
CA ASP A 277 -20.57 -26.72 -5.57
C ASP A 277 -21.18 -27.49 -4.40
N GLY A 278 -20.55 -27.43 -3.24
CA GLY A 278 -21.08 -28.06 -2.06
C GLY A 278 -20.18 -27.77 -0.88
N PRO A 279 -20.60 -28.18 0.31
CA PRO A 279 -19.80 -27.88 1.52
C PRO A 279 -18.43 -28.53 1.44
N GLY A 280 -17.40 -27.74 1.74
CA GLY A 280 -16.02 -28.18 1.63
C GLY A 280 -15.50 -28.34 0.22
N SER A 281 -16.34 -28.13 -0.81
CA SER A 281 -15.88 -28.25 -2.19
C SER A 281 -14.87 -27.16 -2.53
N LYS A 282 -14.09 -27.41 -3.57
CA LYS A 282 -13.14 -26.44 -4.05
C LYS A 282 -13.60 -25.76 -5.34
N SER A 283 -14.75 -26.14 -5.88
CA SER A 283 -15.24 -25.56 -7.11
C SER A 283 -16.63 -24.97 -6.88
N GLY A 284 -17.04 -24.13 -7.85
CA GLY A 284 -18.28 -23.39 -7.75
C GLY A 284 -18.32 -22.31 -8.81
N TYR A 285 -18.99 -21.21 -8.48
CA TYR A 285 -19.26 -20.17 -9.46
C TYR A 285 -18.99 -18.81 -8.85
N LEU A 286 -18.53 -17.90 -9.69
CA LEU A 286 -18.36 -16.51 -9.33
C LEU A 286 -19.38 -15.72 -10.11
N VAL A 287 -20.29 -15.05 -9.39
CA VAL A 287 -21.45 -14.38 -9.96
C VAL A 287 -21.19 -12.87 -9.87
N TYR A 288 -21.03 -12.22 -11.02
CA TYR A 288 -20.71 -10.79 -11.11
C TYR A 288 -21.88 -10.07 -11.75
N THR A 289 -22.27 -8.93 -11.17
CA THR A 289 -23.39 -8.15 -11.67
C THR A 289 -22.98 -6.71 -11.87
N ASN A 290 -23.34 -6.15 -13.04
CA ASN A 290 -23.26 -4.70 -13.20
C ASN A 290 -24.27 -4.26 -14.25
N ARG A 291 -25.29 -3.55 -13.79
CA ARG A 291 -26.35 -3.04 -14.64
C ARG A 291 -26.12 -1.58 -15.03
N GLY A 292 -24.96 -1.03 -14.70
CA GLY A 292 -24.77 0.40 -14.88
C GLY A 292 -23.40 0.84 -15.40
N LEU A 293 -22.90 1.93 -14.84
CA LEU A 293 -21.67 2.57 -15.29
C LEU A 293 -20.55 1.56 -15.48
N GLY A 294 -19.93 1.60 -16.67
CA GLY A 294 -18.79 0.78 -16.99
C GLY A 294 -19.09 -0.46 -17.81
N ALA A 295 -20.33 -0.92 -17.79
CA ALA A 295 -20.72 -2.07 -18.62
C ALA A 295 -21.36 -1.58 -19.92
N LYS A 296 -21.10 -2.30 -21.00
CA LYS A 296 -21.80 -2.05 -22.26
C LYS A 296 -23.28 -2.39 -22.09
N SER A 297 -24.14 -1.64 -22.78
CA SER A 297 -25.58 -1.88 -22.66
C SER A 297 -25.95 -3.32 -23.00
N SER A 298 -25.18 -3.98 -23.90
CA SER A 298 -25.46 -5.37 -24.26
C SER A 298 -25.10 -6.34 -23.13
N GLU A 299 -24.20 -5.95 -22.24
CA GLU A 299 -23.78 -6.83 -21.16
C GLU A 299 -24.40 -6.45 -19.80
N HIS A 300 -25.23 -5.41 -19.75
CA HIS A 300 -25.97 -5.05 -18.54
C HIS A 300 -26.62 -6.27 -17.91
N GLY A 301 -26.26 -6.57 -16.65
CA GLY A 301 -26.83 -7.72 -16.01
C GLY A 301 -25.82 -8.54 -15.25
N THR A 302 -26.04 -9.85 -15.20
CA THR A 302 -25.29 -10.72 -14.31
C THR A 302 -24.56 -11.76 -15.13
N HIS A 303 -23.29 -12.02 -14.79
CA HIS A 303 -22.41 -12.91 -15.52
C HIS A 303 -21.89 -13.97 -14.58
N ILE A 304 -21.96 -15.24 -15.00
CA ILE A 304 -21.59 -16.35 -14.14
C ILE A 304 -20.34 -17.00 -14.69
N PHE A 305 -19.30 -17.04 -13.87
CA PHE A 305 -18.04 -17.69 -14.21
C PHE A 305 -17.92 -19.02 -13.47
N ARG A 306 -17.50 -20.06 -14.19
CA ARG A 306 -17.21 -21.33 -13.54
C ARG A 306 -15.86 -21.23 -12.85
N ILE A 307 -15.81 -21.60 -11.58
CA ILE A 307 -14.57 -21.58 -10.81
C ILE A 307 -14.18 -23.03 -10.52
N GLU A 308 -13.12 -23.51 -11.16
CA GLU A 308 -12.69 -24.89 -10.93
C GLU A 308 -11.94 -25.06 -9.63
N ASP A 309 -11.28 -23.99 -9.14
CA ASP A 309 -10.48 -24.03 -7.92
C ASP A 309 -10.66 -22.71 -7.18
N SER A 310 -11.36 -22.74 -6.05
CA SER A 310 -11.67 -21.52 -5.33
C SER A 310 -10.45 -20.81 -4.77
N SER A 311 -9.29 -21.48 -4.73
CA SER A 311 -8.13 -20.84 -4.10
C SER A 311 -7.67 -19.59 -4.85
N LYS A 312 -8.12 -19.39 -6.10
CA LYS A 312 -7.80 -18.16 -6.80
C LYS A 312 -8.57 -16.95 -6.29
N ILE A 313 -9.55 -17.16 -5.41
CA ILE A 313 -10.30 -16.03 -4.82
C ILE A 313 -9.58 -15.72 -3.50
N THR A 314 -8.50 -14.95 -3.61
CA THR A 314 -7.55 -14.79 -2.52
C THR A 314 -8.01 -13.71 -1.55
N PRO A 315 -7.44 -13.70 -0.34
CA PRO A 315 -7.71 -12.55 0.54
C PRO A 315 -7.43 -11.22 -0.13
N GLU A 316 -6.33 -11.12 -0.89
CA GLU A 316 -5.97 -9.85 -1.50
C GLU A 316 -7.03 -9.40 -2.52
N PHE A 317 -7.48 -10.34 -3.36
CA PHE A 317 -8.54 -10.04 -4.31
C PHE A 317 -9.77 -9.46 -3.60
N ILE A 318 -10.15 -10.08 -2.48
CA ILE A 318 -11.39 -9.67 -1.82
C ILE A 318 -11.22 -8.31 -1.15
N ASN A 319 -10.04 -8.06 -0.61
CA ASN A 319 -9.74 -6.76 0.02
C ASN A 319 -9.75 -5.68 -1.06
N ASN A 320 -9.27 -6.05 -2.23
CA ASN A 320 -9.27 -5.09 -3.34
C ASN A 320 -10.69 -4.81 -3.80
N MET A 321 -11.55 -5.83 -3.79
CA MET A 321 -12.92 -5.65 -4.21
C MET A 321 -13.68 -4.74 -3.25
N THR A 322 -13.55 -4.98 -1.94
CA THR A 322 -14.36 -4.25 -0.96
C THR A 322 -13.89 -2.80 -0.83
N SER A 323 -12.60 -2.57 -1.02
CA SER A 323 -12.04 -1.23 -0.86
C SER A 323 -11.87 -0.51 -2.20
N GLY A 324 -12.54 -1.01 -3.24
CA GLY A 324 -12.30 -0.48 -4.57
C GLY A 324 -12.57 1.01 -4.67
N HIS A 325 -13.71 1.46 -4.15
CA HIS A 325 -14.01 2.88 -4.14
C HIS A 325 -13.04 3.66 -3.25
N SER A 326 -12.83 3.21 -2.00
CA SER A 326 -12.03 4.04 -1.09
C SER A 326 -10.57 4.12 -1.55
N ASN A 327 -10.03 3.04 -2.12
CA ASN A 327 -8.68 3.01 -2.65
C ASN A 327 -8.55 3.55 -4.09
N GLY A 328 -9.62 4.04 -4.69
CA GLY A 328 -9.48 4.66 -5.99
C GLY A 328 -9.26 3.71 -7.15
N ALA A 329 -9.73 2.48 -7.05
CA ALA A 329 -9.63 1.54 -8.16
C ALA A 329 -10.60 1.93 -9.28
N SER A 330 -10.14 1.79 -10.52
CA SER A 330 -11.02 2.06 -11.65
C SER A 330 -11.84 0.81 -12.01
N HIS A 331 -12.89 1.03 -12.79
CA HIS A 331 -13.71 -0.08 -13.24
C HIS A 331 -12.86 -1.17 -13.92
N ASP A 332 -11.95 -0.76 -14.81
CA ASP A 332 -11.16 -1.74 -15.56
C ASP A 332 -10.20 -2.50 -14.65
N GLU A 333 -9.63 -1.83 -13.66
CA GLU A 333 -8.78 -2.54 -12.70
C GLU A 333 -9.57 -3.58 -11.93
N ILE A 334 -10.74 -3.22 -11.41
CA ILE A 334 -11.57 -4.18 -10.69
C ILE A 334 -11.98 -5.32 -11.62
N MET A 335 -12.51 -4.96 -12.78
CA MET A 335 -13.02 -5.97 -13.73
C MET A 335 -11.92 -6.94 -14.13
N SER A 336 -10.70 -6.45 -14.34
CA SER A 336 -9.63 -7.34 -14.77
C SER A 336 -9.24 -8.30 -13.65
N GLN A 337 -9.28 -7.85 -12.39
CA GLN A 337 -9.00 -8.76 -11.30
C GLN A 337 -10.08 -9.83 -11.17
N ILE A 338 -11.34 -9.45 -11.37
CA ILE A 338 -12.43 -10.43 -11.36
C ILE A 338 -12.19 -11.47 -12.45
N LYS A 339 -11.83 -11.02 -13.66
CA LYS A 339 -11.56 -11.96 -14.74
C LYS A 339 -10.36 -12.85 -14.42
N ALA A 340 -9.33 -12.29 -13.79
CA ALA A 340 -8.17 -13.10 -13.44
C ALA A 340 -8.54 -14.20 -12.46
N ALA A 341 -9.36 -13.87 -11.45
CA ALA A 341 -9.72 -14.88 -10.46
C ALA A 341 -10.53 -16.02 -11.05
N ALA A 342 -11.18 -15.76 -12.18
CA ALA A 342 -11.90 -16.77 -12.94
C ALA A 342 -11.05 -17.37 -14.06
N GLY A 343 -9.72 -17.27 -13.96
CA GLY A 343 -8.81 -17.83 -14.96
C GLY A 343 -8.91 -17.22 -16.34
N ASN A 344 -9.38 -15.97 -16.44
CA ASN A 344 -9.59 -15.25 -17.70
C ASN A 344 -10.37 -16.05 -18.71
N LYS A 345 -11.17 -17.00 -18.22
CA LYS A 345 -12.15 -17.65 -19.07
C LYS A 345 -13.39 -16.78 -19.16
N GLU A 346 -14.14 -17.00 -20.21
CA GLU A 346 -15.41 -16.34 -20.45
C GLU A 346 -16.49 -16.89 -19.52
N PRO A 347 -17.48 -16.06 -19.18
CA PRO A 347 -18.61 -16.58 -18.39
C PRO A 347 -19.35 -17.66 -19.14
N ILE A 348 -19.98 -18.56 -18.38
CA ILE A 348 -20.77 -19.62 -18.95
C ILE A 348 -22.24 -19.24 -19.09
N HIS A 349 -22.65 -18.10 -18.56
CA HIS A 349 -24.06 -17.73 -18.65
C HIS A 349 -24.15 -16.25 -18.39
N HIS A 350 -25.13 -15.63 -19.02
CA HIS A 350 -25.38 -14.21 -18.89
C HIS A 350 -26.86 -14.06 -18.59
N ILE A 351 -27.19 -13.31 -17.54
CA ILE A 351 -28.58 -12.94 -17.26
C ILE A 351 -28.71 -11.47 -17.60
N LYS A 352 -29.45 -11.17 -18.67
CA LYS A 352 -29.70 -9.79 -19.05
C LYS A 352 -30.65 -9.15 -18.04
N GLN A 353 -30.30 -7.97 -17.56
CA GLN A 353 -31.08 -7.25 -16.56
C GLN A 353 -31.11 -5.77 -16.93
N LYS A 354 -32.16 -5.10 -16.47
CA LYS A 354 -32.47 -3.75 -16.92
C LYS A 354 -31.32 -2.77 -16.64
N GLY A 355 -30.98 -1.98 -17.65
CA GLY A 355 -29.95 -0.97 -17.48
C GLY A 355 -30.33 0.07 -16.44
N GLN A 356 -29.30 0.61 -15.79
CA GLN A 356 -29.44 1.73 -14.87
C GLN A 356 -28.43 2.81 -15.25
N LYS A 357 -28.82 4.06 -15.02
CA LYS A 357 -27.97 5.19 -15.34
C LYS A 357 -28.06 6.20 -14.22
N ASN A 358 -26.96 6.93 -14.02
CA ASN A 358 -26.94 8.04 -13.09
C ASN A 358 -27.30 7.57 -11.68
N ASP A 359 -26.61 6.54 -11.24
CA ASP A 359 -26.78 5.92 -9.93
C ASP A 359 -25.60 4.98 -9.72
N ASN A 360 -25.13 4.87 -8.47
CA ASN A 360 -24.02 3.96 -8.23
C ASN A 360 -24.48 2.55 -7.91
N CYS A 361 -25.78 2.25 -8.08
CA CYS A 361 -26.27 0.87 -8.13
C CYS A 361 -25.99 0.09 -6.84
N THR A 362 -26.01 0.78 -5.69
CA THR A 362 -25.74 0.10 -4.42
C THR A 362 -26.83 -0.89 -4.09
N ILE A 363 -28.07 -0.61 -4.51
CA ILE A 363 -29.14 -1.58 -4.43
C ILE A 363 -29.24 -2.41 -5.71
N ALA A 364 -29.21 -1.75 -6.87
CA ALA A 364 -29.54 -2.42 -8.12
C ALA A 364 -28.64 -3.64 -8.36
N ASN A 365 -27.33 -3.47 -8.21
CA ASN A 365 -26.41 -4.55 -8.58
C ASN A 365 -26.36 -5.65 -7.53
N SER A 366 -26.42 -5.27 -6.25
CA SER A 366 -26.46 -6.24 -5.16
C SER A 366 -27.70 -7.12 -5.26
N LYS A 367 -28.87 -6.51 -5.50
CA LYS A 367 -30.13 -7.24 -5.56
C LYS A 367 -30.20 -8.12 -6.81
N SER A 368 -29.86 -7.58 -7.99
CA SER A 368 -29.91 -8.39 -9.21
C SER A 368 -28.92 -9.54 -9.16
N ASN A 369 -27.82 -9.39 -8.40
CA ASN A 369 -26.84 -10.47 -8.22
C ASN A 369 -27.52 -11.72 -7.62
N ILE A 370 -28.55 -11.52 -6.81
CA ILE A 370 -29.24 -12.64 -6.18
C ILE A 370 -29.87 -13.57 -7.21
N GLU A 371 -30.36 -13.03 -8.34
CA GLU A 371 -30.90 -13.91 -9.37
C GLU A 371 -29.82 -14.84 -9.90
N GLY A 372 -28.57 -14.36 -10.00
CA GLY A 372 -27.48 -15.24 -10.38
C GLY A 372 -27.15 -16.28 -9.32
N ILE A 373 -27.16 -15.86 -8.05
CA ILE A 373 -26.97 -16.83 -6.96
C ILE A 373 -28.01 -17.95 -7.07
N LEU A 374 -29.29 -17.59 -7.18
CA LEU A 374 -30.34 -18.60 -7.29
C LEU A 374 -30.13 -19.50 -8.51
N LEU A 375 -29.72 -18.91 -9.65
CA LEU A 375 -29.42 -19.74 -10.80
C LEU A 375 -28.38 -20.78 -10.44
N CYS A 376 -27.29 -20.37 -9.79
CA CYS A 376 -26.22 -21.32 -9.47
C CYS A 376 -26.68 -22.33 -8.44
N GLN A 377 -27.55 -21.94 -7.51
CA GLN A 377 -28.09 -22.92 -6.57
C GLN A 377 -28.88 -24.00 -7.29
N LYS A 378 -29.62 -23.61 -8.35
CA LYS A 378 -30.35 -24.60 -9.14
C LYS A 378 -29.39 -25.48 -9.92
N ALA A 379 -28.40 -24.87 -10.56
CA ALA A 379 -27.39 -25.63 -11.31
C ALA A 379 -26.71 -26.64 -10.41
N ARG A 380 -26.32 -26.20 -9.22
CA ARG A 380 -25.70 -27.13 -8.28
C ARG A 380 -26.59 -28.35 -8.06
N GLU A 381 -27.88 -28.11 -7.82
CA GLU A 381 -28.73 -29.21 -7.40
C GLU A 381 -29.08 -30.15 -8.56
N VAL A 382 -29.15 -29.66 -9.81
CA VAL A 382 -29.40 -30.58 -10.92
C VAL A 382 -28.11 -31.15 -11.49
N GLY A 383 -26.95 -30.79 -10.95
CA GLY A 383 -25.70 -31.36 -11.40
C GLY A 383 -24.99 -30.60 -12.49
N GLY A 384 -25.14 -29.28 -12.54
CA GLY A 384 -24.38 -28.54 -13.52
C GLY A 384 -25.23 -27.68 -14.43
N PHE A 385 -24.61 -26.64 -14.98
CA PHE A 385 -25.34 -25.79 -15.92
C PHE A 385 -25.73 -26.57 -17.16
N ASP A 386 -24.95 -27.60 -17.50
CA ASP A 386 -25.26 -28.55 -18.57
C ASP A 386 -26.71 -28.98 -18.51
N LYS A 387 -27.18 -29.26 -17.29
CA LYS A 387 -28.37 -30.05 -17.05
C LYS A 387 -29.60 -29.21 -16.71
N LEU A 388 -29.48 -27.89 -16.69
CA LEU A 388 -30.63 -27.02 -16.49
C LEU A 388 -31.62 -27.16 -17.65
N THR A 389 -32.89 -27.35 -17.32
CA THR A 389 -33.97 -27.35 -18.29
C THR A 389 -34.66 -25.98 -18.31
N GLU A 390 -35.55 -25.81 -19.30
CA GLU A 390 -36.34 -24.58 -19.36
C GLU A 390 -37.15 -24.38 -18.09
N SER A 391 -37.77 -25.46 -17.58
CA SER A 391 -38.59 -25.31 -16.38
C SER A 391 -37.74 -24.99 -15.15
N ASP A 392 -36.51 -25.51 -15.10
CA ASP A 392 -35.60 -25.13 -14.03
C ASP A 392 -35.37 -23.63 -14.03
N MET A 393 -35.09 -23.07 -15.20
CA MET A 393 -34.71 -21.66 -15.23
C MET A 393 -35.91 -20.75 -15.04
N ASP A 394 -37.10 -21.21 -15.40
CA ASP A 394 -38.29 -20.45 -15.07
C ASP A 394 -38.63 -20.56 -13.59
N SER A 395 -38.25 -21.67 -12.92
CA SER A 395 -38.33 -21.76 -11.47
C SER A 395 -37.42 -20.73 -10.79
N VAL A 396 -36.18 -20.64 -11.27
CA VAL A 396 -35.25 -19.65 -10.75
C VAL A 396 -35.84 -18.24 -10.85
N LYS A 397 -36.31 -17.86 -12.05
CA LYS A 397 -36.85 -16.52 -12.23
C LYS A 397 -38.06 -16.29 -11.36
N LYS A 398 -38.85 -17.35 -11.12
CA LYS A 398 -40.03 -17.27 -10.26
C LYS A 398 -39.64 -17.03 -8.80
N GLU A 399 -38.58 -17.69 -8.30
CA GLU A 399 -38.20 -17.39 -6.93
C GLU A 399 -37.55 -16.02 -6.80
N TYR A 400 -36.72 -15.62 -7.78
CA TYR A 400 -36.18 -14.27 -7.75
C TYR A 400 -37.29 -13.23 -7.69
N LYS A 401 -38.30 -13.35 -8.57
CA LYS A 401 -39.41 -12.39 -8.56
C LYS A 401 -40.25 -12.50 -7.29
N GLU A 402 -40.33 -13.69 -6.69
CA GLU A 402 -41.01 -13.78 -5.40
C GLU A 402 -40.28 -12.92 -4.36
N PHE A 403 -38.95 -12.96 -4.37
CA PHE A 403 -38.16 -12.12 -3.48
C PHE A 403 -38.35 -10.64 -3.77
N THR A 404 -38.15 -10.21 -5.02
CA THR A 404 -38.26 -8.78 -5.30
C THR A 404 -39.69 -8.26 -5.09
N LYS A 405 -40.70 -9.09 -5.30
CA LYS A 405 -42.06 -8.70 -4.93
C LYS A 405 -42.17 -8.45 -3.43
N HIS A 406 -41.67 -9.40 -2.63
CA HIS A 406 -41.71 -9.24 -1.18
C HIS A 406 -41.05 -7.93 -0.76
N MET A 407 -39.84 -7.69 -1.27
CA MET A 407 -39.11 -6.47 -0.95
C MET A 407 -39.89 -5.22 -1.39
N ARG A 408 -40.55 -5.28 -2.55
CA ARG A 408 -41.29 -4.11 -3.04
C ARG A 408 -42.55 -3.85 -2.23
N VAL A 409 -43.27 -4.92 -1.90
CA VAL A 409 -44.53 -4.83 -1.14
C VAL A 409 -44.26 -4.30 0.27
N GLU A 410 -43.23 -4.82 0.94
CA GLU A 410 -42.88 -4.31 2.26
C GLU A 410 -42.52 -2.84 2.20
N LYS A 411 -41.79 -2.43 1.16
CA LYS A 411 -41.36 -1.04 1.14
C LYS A 411 -42.52 -0.11 0.84
N VAL A 412 -43.49 -0.55 0.02
CA VAL A 412 -44.68 0.28 -0.22
C VAL A 412 -45.52 0.36 1.05
N ASN A 413 -45.70 -0.76 1.75
CA ASN A 413 -46.40 -0.73 3.02
C ASN A 413 -45.69 0.16 4.02
N GLU A 414 -44.37 0.00 4.13
CA GLU A 414 -43.59 0.90 4.98
C GLU A 414 -43.79 2.35 4.58
N LEU A 415 -43.91 2.63 3.28
CA LEU A 415 -44.08 4.02 2.85
C LEU A 415 -45.46 4.55 3.23
N ALA A 416 -46.50 3.76 2.98
CA ALA A 416 -47.86 4.13 3.39
C ALA A 416 -47.93 4.38 4.89
N LYS A 417 -47.38 3.44 5.67
CA LYS A 417 -47.35 3.61 7.12
C LYS A 417 -46.65 4.91 7.49
N ALA A 418 -45.44 5.11 6.97
CA ALA A 418 -44.72 6.34 7.29
C ALA A 418 -45.54 7.57 6.94
N LEU A 419 -46.25 7.55 5.81
CA LEU A 419 -46.97 8.73 5.38
C LEU A 419 -48.16 9.05 6.27
N LYS A 420 -48.78 8.03 6.87
CA LYS A 420 -49.93 8.25 7.73
C LYS A 420 -49.53 8.74 9.11
N GLU A 421 -48.38 8.30 9.62
CA GLU A 421 -47.84 8.78 10.89
C GLU A 421 -47.18 10.15 10.79
N ASN A 422 -46.96 10.69 9.60
CA ASN A 422 -46.47 12.05 9.42
C ASN A 422 -47.12 12.62 8.17
N PRO A 423 -48.42 12.88 8.25
CA PRO A 423 -49.17 13.19 7.03
C PRO A 423 -48.81 14.50 6.36
N GLN A 424 -48.05 15.38 7.01
CA GLN A 424 -47.73 16.67 6.41
C GLN A 424 -46.31 16.76 5.88
N ASP A 425 -45.51 15.70 6.02
CA ASP A 425 -44.11 15.75 5.59
C ASP A 425 -44.02 15.89 4.07
N PRO A 426 -43.33 16.91 3.55
CA PRO A 426 -43.24 17.05 2.09
C PRO A 426 -42.55 15.88 1.40
N ASP A 427 -41.52 15.29 2.03
CA ASP A 427 -40.78 14.23 1.37
C ASP A 427 -41.61 12.94 1.26
N LEU A 428 -42.26 12.53 2.34
CA LEU A 428 -43.13 11.36 2.27
C LEU A 428 -44.26 11.57 1.25
N ASN A 429 -44.88 12.75 1.26
CA ASN A 429 -45.94 13.02 0.29
C ASN A 429 -45.41 12.95 -1.13
N ASN A 430 -44.27 13.59 -1.37
CA ASN A 430 -43.76 13.65 -2.73
C ASN A 430 -43.24 12.29 -3.18
N LEU A 431 -42.63 11.53 -2.26
CA LEU A 431 -42.24 10.17 -2.61
C LEU A 431 -43.45 9.35 -3.02
N THR A 432 -44.55 9.45 -2.26
CA THR A 432 -45.74 8.68 -2.57
C THR A 432 -46.30 9.07 -3.93
N LYS A 433 -46.41 10.38 -4.16
CA LYS A 433 -46.94 10.86 -5.43
C LYS A 433 -46.05 10.42 -6.59
N GLU A 434 -44.73 10.60 -6.44
CA GLU A 434 -43.82 10.26 -7.53
C GLU A 434 -43.81 8.76 -7.81
N TYR A 435 -44.05 7.93 -6.79
CA TYR A 435 -44.10 6.50 -7.07
C TYR A 435 -45.23 6.18 -8.06
N LEU A 436 -46.45 6.65 -7.74
CA LEU A 436 -47.60 6.40 -8.62
C LEU A 436 -47.38 6.98 -10.01
N LYS A 437 -46.77 8.18 -10.07
CA LYS A 437 -46.50 8.80 -11.37
C LYS A 437 -45.49 7.98 -12.18
N GLN A 438 -44.45 7.43 -11.54
CA GLN A 438 -43.36 6.80 -12.27
C GLN A 438 -43.56 5.30 -12.47
N HIS A 439 -44.49 4.69 -11.75
CA HIS A 439 -44.85 3.28 -11.94
C HIS A 439 -46.34 3.20 -12.24
N PRO A 440 -46.75 3.62 -13.44
CA PRO A 440 -48.17 3.54 -13.81
C PRO A 440 -48.68 2.11 -13.92
N ASN A 441 -47.83 1.15 -14.31
CA ASN A 441 -48.20 -0.24 -14.44
C ASN A 441 -47.99 -1.04 -13.15
N ALA A 442 -48.00 -0.37 -11.99
CA ALA A 442 -47.77 -1.06 -10.74
C ALA A 442 -48.99 -1.90 -10.36
N ASP A 443 -48.73 -3.04 -9.71
CA ASP A 443 -49.80 -3.89 -9.16
C ASP A 443 -50.86 -3.00 -8.52
N PRO A 444 -52.14 -3.19 -8.90
CA PRO A 444 -53.20 -2.33 -8.35
C PRO A 444 -53.28 -2.36 -6.84
N LYS A 445 -52.88 -3.45 -6.19
CA LYS A 445 -52.86 -3.47 -4.74
C LYS A 445 -51.84 -2.48 -4.18
N LEU A 446 -50.69 -2.34 -4.85
CA LEU A 446 -49.72 -1.34 -4.42
C LEU A 446 -50.28 0.07 -4.59
N LYS A 447 -50.78 0.38 -5.81
CA LYS A 447 -51.42 1.65 -6.07
C LYS A 447 -52.49 1.98 -5.03
N GLN A 448 -53.41 1.02 -4.80
CA GLN A 448 -54.46 1.21 -3.82
C GLN A 448 -53.91 1.60 -2.45
N THR A 449 -52.88 0.88 -1.99
CA THR A 449 -52.32 1.15 -0.66
C THR A 449 -51.80 2.57 -0.57
N LEU A 450 -51.15 3.05 -1.63
CA LEU A 450 -50.55 4.39 -1.59
C LEU A 450 -51.56 5.50 -1.85
N GLU A 451 -52.56 5.27 -2.71
CA GLU A 451 -53.60 6.28 -2.90
C GLU A 451 -54.41 6.48 -1.62
N THR A 452 -54.79 5.37 -0.97
CA THR A 452 -55.53 5.48 0.29
C THR A 452 -54.69 6.19 1.36
N ALA A 453 -53.38 5.93 1.38
CA ALA A 453 -52.52 6.65 2.31
C ALA A 453 -52.48 8.14 1.99
N LEU A 454 -52.39 8.50 0.69
CA LEU A 454 -52.42 9.90 0.30
C LEU A 454 -53.74 10.56 0.69
N LYS A 455 -54.87 9.88 0.44
CA LYS A 455 -56.16 10.39 0.87
C LYS A 455 -56.16 10.64 2.38
N GLN A 456 -55.76 9.62 3.16
CA GLN A 456 -55.69 9.76 4.61
C GLN A 456 -54.84 10.96 5.00
N ALA A 457 -53.71 11.13 4.35
CA ALA A 457 -52.78 12.22 4.71
C ALA A 457 -53.48 13.57 4.55
N SER A 458 -54.22 13.76 3.46
CA SER A 458 -54.98 15.02 3.24
C SER A 458 -56.09 14.91 4.30
N GLU A 459 -55.80 15.31 5.54
CA GLU A 459 -56.85 15.27 6.59
C GLU A 459 -56.63 16.38 7.62
N SER A 460 -55.55 17.18 7.51
CA SER A 460 -55.31 18.19 8.55
C SER A 460 -55.30 17.57 9.95
N LEU B 17 22.23 13.84 41.01
CA LEU B 17 22.92 13.68 39.74
C LEU B 17 24.11 12.72 39.83
N ASP B 18 24.37 12.14 41.01
CA ASP B 18 25.56 11.29 41.17
C ASP B 18 25.51 10.01 40.32
N LYS B 19 24.35 9.65 39.77
CA LYS B 19 24.27 8.66 38.71
C LYS B 19 24.52 9.36 37.37
N LEU B 20 25.45 10.33 37.32
CA LEU B 20 26.21 10.78 36.16
C LEU B 20 27.48 9.97 35.96
N SER B 21 27.57 8.92 36.79
CA SER B 21 28.61 7.91 36.67
C SER B 21 28.25 6.80 35.70
N ALA B 22 26.97 6.67 35.33
CA ALA B 22 26.55 5.57 34.47
C ALA B 22 27.29 5.56 33.13
N PRO B 23 27.46 6.67 32.42
CA PRO B 23 28.27 6.61 31.18
C PRO B 23 29.69 6.12 31.41
N LEU B 24 30.35 6.60 32.47
CA LEU B 24 31.74 6.21 32.69
C LEU B 24 31.85 4.73 33.04
N ASP B 25 31.01 4.26 33.98
CA ASP B 25 31.03 2.86 34.39
C ASP B 25 30.83 1.93 33.21
N MET B 26 29.88 2.26 32.35
CA MET B 26 29.60 1.44 31.19
C MET B 26 30.80 1.38 30.25
N LEU B 27 31.42 2.54 29.96
CA LEU B 27 32.60 2.54 29.10
C LEU B 27 33.74 1.74 29.72
N LYS B 28 33.98 1.94 31.01
CA LYS B 28 35.01 1.15 31.68
C LYS B 28 34.68 -0.32 31.62
N GLN B 29 33.41 -0.66 31.87
CA GLN B 29 33.02 -2.06 31.91
C GLN B 29 33.15 -2.71 30.53
N MET B 30 32.78 -1.99 29.45
CA MET B 30 32.99 -2.48 28.09
C MET B 30 34.45 -2.79 27.85
N ASN B 31 35.35 -1.90 28.28
CA ASN B 31 36.76 -2.12 28.06
C ASN B 31 37.27 -3.29 28.90
N GLU B 32 36.77 -3.40 30.12
CA GLU B 32 37.20 -4.46 31.01
C GLU B 32 36.75 -5.82 30.50
N SER B 33 35.59 -5.89 29.85
CA SER B 33 35.06 -7.14 29.29
C SER B 33 35.47 -7.37 27.84
N THR B 34 36.46 -6.63 27.34
CA THR B 34 36.82 -6.75 25.94
C THR B 34 37.63 -8.01 25.71
N MET B 35 37.45 -8.61 24.53
CA MET B 35 38.15 -9.83 24.14
C MET B 35 38.46 -9.76 22.66
N GLU B 36 39.65 -10.19 22.27
CA GLU B 36 39.89 -10.41 20.84
C GLU B 36 38.94 -11.47 20.30
N GLN B 37 38.71 -11.40 18.99
CA GLN B 37 37.81 -12.35 18.35
C GLN B 37 38.29 -13.79 18.56
N THR B 38 39.57 -14.05 18.32
CA THR B 38 40.07 -15.41 18.42
C THR B 38 39.89 -15.95 19.84
N LYS B 39 40.14 -15.12 20.86
CA LYS B 39 39.96 -15.57 22.23
C LYS B 39 38.47 -15.76 22.58
N LEU B 40 37.57 -15.00 21.94
CA LEU B 40 36.15 -15.23 22.20
C LEU B 40 35.69 -16.50 21.50
N ASP B 41 36.17 -16.72 20.28
CA ASP B 41 35.92 -17.98 19.59
C ASP B 41 36.37 -19.17 20.44
N GLU B 42 37.60 -19.12 20.97
CA GLU B 42 38.13 -20.22 21.78
C GLU B 42 37.32 -20.40 23.05
N LEU B 43 36.95 -19.31 23.72
CA LEU B 43 36.10 -19.45 24.88
C LEU B 43 34.81 -20.19 24.53
N ARG B 44 34.18 -19.83 23.41
CA ARG B 44 32.92 -20.47 23.05
C ARG B 44 33.12 -21.94 22.72
N LYS B 45 34.16 -22.27 21.96
CA LYS B 45 34.49 -23.66 21.66
C LYS B 45 34.73 -24.48 22.94
N LYS B 46 35.49 -23.93 23.89
CA LYS B 46 35.69 -24.63 25.16
C LYS B 46 34.36 -24.95 25.82
N MET B 47 33.45 -23.97 25.88
CA MET B 47 32.16 -24.21 26.51
C MET B 47 31.32 -25.21 25.72
N SER B 48 31.45 -25.24 24.38
CA SER B 48 30.66 -26.24 23.65
C SER B 48 31.25 -27.64 23.82
N LEU B 49 32.57 -27.76 23.94
CA LEU B 49 33.16 -29.06 24.28
C LEU B 49 32.66 -29.52 25.65
N GLN B 50 32.67 -28.61 26.63
CA GLN B 50 32.17 -28.95 27.96
C GLN B 50 30.72 -29.40 27.91
N ALA B 51 29.93 -28.79 27.04
CA ALA B 51 28.56 -29.25 26.90
C ALA B 51 28.52 -30.68 26.36
N GLU B 52 29.44 -31.03 25.46
CA GLU B 52 29.50 -32.39 24.92
C GLU B 52 29.82 -33.42 25.99
N ILE B 53 30.65 -33.03 26.96
CA ILE B 53 30.92 -33.95 28.07
C ILE B 53 29.64 -34.25 28.82
N LEU B 54 28.89 -33.21 29.20
CA LEU B 54 27.63 -33.41 29.91
C LEU B 54 26.59 -34.16 29.08
N ASN B 55 26.66 -34.07 27.75
CA ASN B 55 25.73 -34.76 26.85
C ASN B 55 24.28 -34.44 27.19
N LYS B 56 24.02 -33.23 27.67
CA LYS B 56 22.66 -32.82 28.00
C LYS B 56 21.97 -32.29 26.75
N ALA B 57 20.71 -31.90 26.91
CA ALA B 57 19.95 -31.37 25.80
C ALA B 57 20.53 -30.04 25.34
N LYS B 58 20.71 -29.92 24.02
CA LYS B 58 21.27 -28.71 23.43
C LYS B 58 20.44 -27.48 23.82
N ALA B 59 21.13 -26.37 24.08
CA ALA B 59 20.44 -25.14 24.44
C ALA B 59 19.66 -24.60 23.25
N ASP B 60 18.58 -23.89 23.55
CA ASP B 60 17.64 -23.40 22.53
C ASP B 60 17.82 -21.88 22.43
N ASN B 61 18.66 -21.45 21.48
CA ASN B 61 18.99 -20.03 21.39
C ASN B 61 17.79 -19.21 20.95
N ASP B 62 16.99 -19.74 20.02
CA ASP B 62 15.81 -19.02 19.58
C ASP B 62 14.82 -18.83 20.72
N MET B 63 14.61 -19.89 21.51
CA MET B 63 13.79 -19.76 22.70
C MET B 63 14.37 -18.77 23.68
N PHE B 64 15.70 -18.82 23.89
CA PHE B 64 16.31 -17.88 24.83
C PHE B 64 16.07 -16.43 24.42
N PHE B 65 16.20 -16.14 23.12
CA PHE B 65 16.00 -14.76 22.68
C PHE B 65 14.52 -14.36 22.74
N ARG B 66 13.60 -15.28 22.42
CA ARG B 66 12.19 -14.96 22.60
C ARG B 66 11.93 -14.54 24.04
N LEU B 67 12.39 -15.36 24.99
CA LEU B 67 12.21 -15.07 26.40
C LEU B 67 12.99 -13.83 26.83
N LEU B 68 14.16 -13.61 26.24
CA LEU B 68 14.95 -12.45 26.62
C LEU B 68 14.28 -11.16 26.16
N ILE B 69 13.79 -11.13 24.92
CA ILE B 69 13.07 -9.96 24.44
C ILE B 69 11.87 -9.67 25.33
N GLU B 70 11.18 -10.72 25.76
CA GLU B 70 10.02 -10.55 26.64
C GLU B 70 10.46 -10.04 28.02
N LEU B 71 11.55 -10.58 28.55
CA LEU B 71 12.10 -10.09 29.81
C LEU B 71 12.52 -8.62 29.69
N MET B 72 13.16 -8.23 28.59
CA MET B 72 13.59 -6.84 28.49
C MET B 72 12.42 -5.88 28.44
N SER B 73 11.26 -6.32 27.92
CA SER B 73 10.11 -5.42 27.85
C SER B 73 9.47 -5.18 29.21
N LEU B 74 9.74 -6.04 30.21
CA LEU B 74 9.26 -5.80 31.57
C LEU B 74 9.94 -4.61 32.25
N LYS B 75 11.10 -4.18 31.75
CA LYS B 75 11.77 -3.00 32.28
C LYS B 75 12.07 -3.15 33.77
N LEU B 76 12.61 -4.31 34.13
CA LEU B 76 12.90 -4.60 35.52
C LEU B 76 14.23 -3.99 35.94
N GLN B 77 14.43 -3.88 37.25
CA GLN B 77 15.65 -3.34 37.81
C GLN B 77 16.69 -4.44 37.98
N GLY B 78 17.89 -4.03 38.37
CA GLY B 78 19.05 -4.90 38.40
C GLY B 78 18.83 -6.28 39.00
N GLU B 79 18.43 -6.32 40.27
CA GLU B 79 18.38 -7.59 40.98
C GLU B 79 17.28 -8.49 40.44
N LEU B 80 16.07 -7.94 40.24
CA LEU B 80 14.98 -8.74 39.70
C LEU B 80 15.31 -9.21 38.28
N PHE B 81 15.84 -8.32 37.45
CA PHE B 81 16.32 -8.71 36.12
C PHE B 81 17.25 -9.90 36.20
N LYS B 82 18.21 -9.87 37.12
CA LYS B 82 19.20 -10.95 37.22
C LYS B 82 18.54 -12.27 37.58
N GLU B 83 17.54 -12.24 38.46
CA GLU B 83 16.81 -13.45 38.81
C GLU B 83 16.11 -14.04 37.58
N GLN B 84 15.41 -13.20 36.83
CA GLN B 84 14.67 -13.68 35.66
C GLN B 84 15.61 -14.16 34.55
N LEU B 85 16.76 -13.49 34.38
CA LEU B 85 17.70 -13.85 33.33
C LEU B 85 18.28 -15.25 33.56
N SER B 86 18.68 -15.53 34.80
CA SER B 86 19.11 -16.88 35.16
C SER B 86 18.00 -17.89 34.90
N LYS B 87 16.76 -17.52 35.21
CA LYS B 87 15.63 -18.44 35.04
C LYS B 87 15.42 -18.78 33.58
N ILE B 88 15.19 -17.76 32.73
CA ILE B 88 14.96 -18.03 31.30
C ILE B 88 16.20 -18.64 30.68
N SER B 89 17.36 -18.40 31.28
CA SER B 89 18.59 -18.99 30.78
C SER B 89 18.60 -20.50 31.00
N LYS B 90 18.33 -20.94 32.23
CA LYS B 90 18.21 -22.37 32.52
C LYS B 90 17.05 -22.99 31.72
N GLU B 91 15.86 -22.39 31.76
CA GLU B 91 14.76 -22.90 30.94
C GLU B 91 15.18 -23.12 29.48
N SER B 92 16.15 -22.34 28.97
CA SER B 92 16.57 -22.52 27.59
C SER B 92 17.65 -23.58 27.43
N GLY B 93 18.15 -24.13 28.53
CA GLY B 93 19.16 -25.15 28.48
C GLY B 93 20.58 -24.71 28.78
N TYR B 94 20.77 -23.54 29.40
CA TYR B 94 22.09 -23.07 29.80
C TYR B 94 22.27 -23.24 31.30
N ASP B 95 23.53 -23.52 31.71
CA ASP B 95 23.85 -23.62 33.13
C ASP B 95 23.47 -22.35 33.90
N SER B 96 23.75 -21.19 33.31
CA SER B 96 23.73 -19.92 34.02
C SER B 96 23.48 -18.80 33.02
N ALA B 97 23.02 -17.65 33.53
CA ALA B 97 23.02 -16.43 32.74
C ALA B 97 24.36 -16.23 32.04
N GLN B 98 25.44 -16.21 32.82
CA GLN B 98 26.75 -15.98 32.22
C GLN B 98 26.98 -16.91 31.04
N SER B 99 26.62 -18.19 31.19
CA SER B 99 26.84 -19.13 30.10
C SER B 99 25.98 -18.76 28.89
N ALA B 100 24.71 -18.44 29.13
CA ALA B 100 23.85 -18.01 28.03
C ALA B 100 24.41 -16.76 27.38
N LEU B 101 24.83 -15.78 28.18
CA LEU B 101 25.29 -14.52 27.59
C LEU B 101 26.55 -14.71 26.75
N ILE B 102 27.35 -15.73 27.04
CA ILE B 102 28.59 -15.91 26.31
C ILE B 102 28.40 -16.70 25.02
N GLN B 103 27.45 -17.65 25.00
CA GLN B 103 27.29 -18.55 23.86
C GLN B 103 26.08 -18.24 22.98
N ALA B 104 24.99 -17.70 23.52
CA ALA B 104 23.77 -17.60 22.74
C ALA B 104 23.87 -16.53 21.65
N THR B 105 23.35 -16.86 20.47
CA THR B 105 23.13 -15.89 19.41
C THR B 105 21.77 -16.15 18.78
N ASN B 106 21.18 -15.11 18.18
CA ASN B 106 19.86 -15.22 17.59
C ASN B 106 19.98 -15.47 16.09
N SER B 107 18.85 -15.45 15.39
CA SER B 107 18.86 -15.79 13.96
C SER B 107 19.59 -14.74 13.14
N GLU B 108 19.67 -13.48 13.61
CA GLU B 108 20.51 -12.48 12.95
C GLU B 108 21.99 -12.72 13.19
N GLY B 109 22.36 -13.65 14.08
CA GLY B 109 23.74 -13.83 14.48
C GLY B 109 24.21 -12.90 15.58
N GLN B 110 23.32 -12.13 16.19
CA GLN B 110 23.72 -11.23 17.27
C GLN B 110 23.81 -11.94 18.60
N SER B 111 24.71 -11.45 19.44
CA SER B 111 24.73 -11.85 20.83
C SER B 111 23.72 -11.00 21.62
N PRO B 112 23.39 -11.43 22.83
CA PRO B 112 22.49 -10.58 23.66
C PRO B 112 23.05 -9.19 23.87
N LEU B 113 24.34 -9.06 24.17
CA LEU B 113 24.92 -7.73 24.34
C LEU B 113 24.83 -6.92 23.04
N GLN B 114 25.22 -7.52 21.93
CA GLN B 114 25.11 -6.82 20.65
C GLN B 114 23.67 -6.40 20.37
N TYR B 115 22.71 -7.30 20.65
CA TYR B 115 21.30 -6.98 20.49
C TYR B 115 20.90 -5.77 21.33
N ALA B 116 21.23 -5.79 22.61
CA ALA B 116 20.88 -4.64 23.46
C ALA B 116 21.52 -3.36 22.94
N LEU B 117 22.81 -3.42 22.60
CA LEU B 117 23.52 -2.23 22.15
C LEU B 117 22.90 -1.68 20.89
N GLN B 118 22.60 -2.54 19.92
CA GLN B 118 21.99 -2.06 18.70
C GLN B 118 20.63 -1.41 18.96
N LYS B 119 19.88 -1.93 19.94
CA LYS B 119 18.61 -1.29 20.28
C LYS B 119 18.79 0.00 21.04
N GLN B 120 20.04 0.41 21.31
CA GLN B 120 20.34 1.64 22.05
C GLN B 120 19.79 1.57 23.47
N ASP B 121 19.72 0.34 24.01
CA ASP B 121 19.21 0.05 25.35
C ASP B 121 20.44 -0.14 26.24
N PHE B 122 21.06 1.00 26.61
CA PHE B 122 22.34 0.96 27.30
C PHE B 122 22.19 0.42 28.72
N SER B 123 21.04 0.64 29.34
CA SER B 123 20.76 0.07 30.66
C SER B 123 20.81 -1.45 30.61
N THR B 124 20.07 -2.06 29.66
CA THR B 124 20.06 -3.53 29.60
C THR B 124 21.45 -4.06 29.27
N ALA B 125 22.15 -3.41 28.34
CA ALA B 125 23.50 -3.84 27.98
C ALA B 125 24.44 -3.82 29.19
N LYS B 126 24.31 -2.81 30.05
CA LYS B 126 25.12 -2.78 31.27
C LYS B 126 24.78 -3.97 32.18
N TYR B 127 23.50 -4.35 32.26
CA TYR B 127 23.14 -5.57 32.98
C TYR B 127 23.86 -6.79 32.42
N PHE B 128 23.85 -6.96 31.08
CA PHE B 128 24.54 -8.10 30.49
C PHE B 128 26.02 -8.08 30.83
N LEU B 129 26.66 -6.90 30.74
CA LEU B 129 28.06 -6.80 31.16
C LEU B 129 28.23 -7.21 32.61
N ASP B 130 27.30 -6.82 33.48
CA ASP B 130 27.47 -7.17 34.89
C ASP B 130 27.35 -8.66 35.10
N ASN B 131 26.62 -9.35 34.22
CA ASN B 131 26.41 -10.78 34.34
C ASN B 131 27.34 -11.60 33.45
N GLY B 132 28.42 -11.00 32.96
CA GLY B 132 29.48 -11.75 32.32
C GLY B 132 29.55 -11.69 30.81
N ALA B 133 28.66 -10.93 30.14
CA ALA B 133 28.75 -10.83 28.70
C ALA B 133 30.11 -10.27 28.29
N LYS B 134 30.66 -10.78 27.20
CA LYS B 134 31.93 -10.32 26.66
C LYS B 134 31.72 -9.31 25.52
N ALA B 135 32.63 -8.35 25.41
CA ALA B 135 32.60 -7.36 24.33
C ALA B 135 33.68 -7.71 23.32
N GLY B 136 33.31 -8.52 22.32
CA GLY B 136 34.18 -8.75 21.20
C GLY B 136 34.15 -7.58 20.22
N PRO B 137 34.94 -7.71 19.17
CA PRO B 137 34.99 -6.65 18.14
C PRO B 137 33.63 -6.29 17.55
N ILE B 138 32.74 -7.27 17.39
CA ILE B 138 31.41 -6.98 16.84
C ILE B 138 30.62 -6.15 17.84
N GLU B 139 30.62 -6.56 19.11
CA GLU B 139 29.91 -5.79 20.12
C GLU B 139 30.48 -4.38 20.23
N LYS B 140 31.81 -4.23 20.14
CA LYS B 140 32.42 -2.91 20.23
C LYS B 140 32.04 -2.03 19.02
N ALA B 141 32.01 -2.60 17.82
CA ALA B 141 31.60 -1.86 16.64
C ALA B 141 30.15 -1.42 16.72
N VAL B 142 29.27 -2.32 17.17
CA VAL B 142 27.87 -1.95 17.32
C VAL B 142 27.72 -0.89 18.40
N PHE B 143 28.47 -1.02 19.49
CA PHE B 143 28.48 0.01 20.54
C PHE B 143 28.88 1.38 19.98
N GLU B 144 29.97 1.44 19.19
CA GLU B 144 30.37 2.73 18.65
C GLU B 144 29.32 3.33 17.71
N ILE B 145 28.63 2.49 16.91
CA ILE B 145 27.52 2.99 16.10
C ILE B 145 26.44 3.56 17.00
N ALA B 146 26.06 2.79 18.03
CA ALA B 146 24.99 3.22 18.91
C ALA B 146 25.37 4.49 19.67
N LEU B 147 26.67 4.69 19.94
CA LEU B 147 27.13 5.91 20.60
C LEU B 147 26.72 7.17 19.82
N ASP B 148 26.65 7.08 18.50
CA ASP B 148 26.27 8.24 17.69
C ASP B 148 24.74 8.29 17.56
N SER B 149 24.08 8.67 18.64
CA SER B 149 22.62 8.73 18.63
C SER B 149 22.13 9.67 19.71
N LYS B 150 20.85 10.07 19.59
CA LYS B 150 20.23 10.87 20.65
C LYS B 150 20.12 10.08 21.94
N ALA B 151 19.86 8.77 21.84
CA ALA B 151 19.81 7.93 23.02
C ALA B 151 21.13 7.93 23.78
N ALA B 152 22.25 7.81 23.05
CA ALA B 152 23.56 7.84 23.71
C ALA B 152 23.80 9.20 24.38
N LYS B 153 23.45 10.29 23.69
CA LYS B 153 23.61 11.60 24.28
C LYS B 153 22.84 11.70 25.59
N GLU B 154 21.56 11.31 25.58
CA GLU B 154 20.73 11.38 26.78
C GLU B 154 21.24 10.51 27.93
N PHE B 155 21.99 9.46 27.62
CA PHE B 155 22.55 8.58 28.64
C PHE B 155 23.75 9.18 29.35
N GLY B 156 24.35 10.24 28.79
CA GLY B 156 25.54 10.83 29.34
C GLY B 156 26.78 10.61 28.53
N PHE B 157 26.72 9.92 27.39
CA PHE B 157 27.95 9.65 26.66
C PHE B 157 28.39 10.88 25.86
N PRO B 158 29.69 11.03 25.62
CA PRO B 158 30.18 12.14 24.81
C PRO B 158 30.05 11.84 23.32
N PRO B 159 30.23 12.84 22.46
CA PRO B 159 30.33 12.55 21.02
C PRO B 159 31.51 11.65 20.72
N LEU B 160 31.42 10.93 19.61
CA LEU B 160 32.53 10.08 19.20
C LEU B 160 33.76 10.92 18.87
N PRO B 161 34.96 10.43 19.19
CA PRO B 161 36.16 11.19 18.87
C PRO B 161 36.43 11.22 17.38
N PRO B 162 37.00 12.31 16.86
CA PRO B 162 37.10 12.48 15.39
C PRO B 162 37.98 11.46 14.66
N GLU B 163 38.84 10.70 15.34
CA GLU B 163 39.64 9.69 14.63
C GLU B 163 38.76 8.60 14.01
N LYS B 164 37.66 8.25 14.70
CA LYS B 164 36.75 7.21 14.23
C LYS B 164 35.99 7.60 12.97
N GLU B 165 36.15 8.83 12.45
CA GLU B 165 35.41 9.21 11.25
C GLU B 165 35.95 8.51 10.01
N LYS B 166 37.26 8.26 9.98
CA LYS B 166 37.89 7.67 8.81
C LYS B 166 37.47 6.21 8.65
N LEU B 167 37.39 5.76 7.41
CA LEU B 167 36.97 4.39 7.12
C LEU B 167 38.16 3.45 7.21
N HIS B 168 38.10 2.52 8.16
CA HIS B 168 39.16 1.56 8.36
C HIS B 168 39.34 0.71 7.10
N PRO B 169 40.58 0.45 6.68
CA PRO B 169 40.80 -0.39 5.49
C PRO B 169 40.16 -1.76 5.59
N VAL B 170 40.02 -2.30 6.80
CA VAL B 170 39.36 -3.59 6.97
C VAL B 170 37.88 -3.49 6.58
N LYS B 171 37.24 -2.35 6.90
CA LYS B 171 35.87 -2.15 6.44
C LYS B 171 35.82 -1.77 4.97
N ASN B 172 36.81 -1.00 4.51
CA ASN B 172 36.83 -0.60 3.10
C ASN B 172 36.80 -1.82 2.19
N PHE B 173 37.78 -2.72 2.35
CA PHE B 173 37.78 -3.92 1.52
C PHE B 173 36.72 -4.93 1.95
N GLY B 174 36.50 -5.09 3.25
CA GLY B 174 35.61 -6.14 3.72
C GLY B 174 34.16 -5.90 3.35
N LEU B 175 33.71 -4.65 3.43
CA LEU B 175 32.33 -4.34 3.06
C LEU B 175 32.10 -4.41 1.56
N VAL B 176 33.06 -3.99 0.75
CA VAL B 176 32.84 -4.08 -0.69
C VAL B 176 32.98 -5.51 -1.17
N LEU B 177 34.06 -6.20 -0.78
CA LEU B 177 34.33 -7.53 -1.29
C LEU B 177 33.60 -8.64 -0.55
N GLY B 178 33.07 -8.35 0.65
CA GLY B 178 32.44 -9.38 1.44
C GLY B 178 33.47 -10.27 2.12
N ILE B 179 34.32 -9.66 2.94
CA ILE B 179 35.36 -10.37 3.67
C ILE B 179 35.08 -10.20 5.15
N LYS B 180 34.92 -11.33 5.86
CA LYS B 180 34.69 -11.33 7.30
C LYS B 180 36.02 -11.53 8.01
N THR B 181 36.46 -10.53 8.77
CA THR B 181 37.75 -10.59 9.43
C THR B 181 37.82 -9.46 10.44
N THR B 182 38.91 -9.45 11.21
CA THR B 182 39.17 -8.45 12.23
C THR B 182 40.55 -7.86 12.02
N SER B 183 40.66 -6.54 12.16
CA SER B 183 41.96 -5.90 12.14
C SER B 183 42.77 -6.28 13.39
N VAL B 184 44.09 -6.17 13.29
CA VAL B 184 44.88 -6.45 14.48
C VAL B 184 44.62 -5.40 15.54
N ASP B 185 44.02 -4.26 15.18
CA ASP B 185 43.68 -3.27 16.21
C ASP B 185 42.33 -3.55 16.87
N GLY B 186 41.61 -4.59 16.43
CA GLY B 186 40.35 -4.98 17.02
C GLY B 186 39.13 -4.56 16.22
N THR B 187 39.32 -3.93 15.07
CA THR B 187 38.21 -3.41 14.28
C THR B 187 37.66 -4.51 13.37
N PRO B 188 36.37 -4.82 13.44
CA PRO B 188 35.81 -5.79 12.50
C PRO B 188 35.60 -5.18 11.12
N SER B 189 35.36 -6.03 10.14
CA SER B 189 35.11 -5.58 8.75
C SER B 189 33.63 -5.33 8.45
N GLN B 190 32.71 -5.62 9.35
CA GLN B 190 31.26 -5.62 8.97
C GLN B 190 30.36 -4.46 9.38
N PHE B 191 30.69 -3.65 10.37
CA PHE B 191 29.69 -2.63 10.77
C PHE B 191 30.22 -1.22 10.52
N GLY B 192 29.56 -0.44 9.67
CA GLY B 192 30.18 0.86 9.36
C GLY B 192 29.26 2.03 9.60
N HIS B 193 29.85 3.22 9.80
CA HIS B 193 29.05 4.41 9.91
C HIS B 193 28.49 4.82 8.55
N ILE B 194 27.39 5.57 8.58
CA ILE B 194 26.76 5.99 7.32
C ILE B 194 27.69 6.90 6.52
N ALA B 195 28.29 7.92 7.15
CA ALA B 195 29.03 8.91 6.37
C ALA B 195 30.08 8.30 5.44
N PRO B 196 31.05 7.54 5.95
CA PRO B 196 32.12 7.06 5.06
C PRO B 196 31.65 5.98 4.08
N THR B 197 30.62 5.20 4.43
CA THR B 197 30.14 4.20 3.48
C THR B 197 29.29 4.83 2.38
N TYR B 198 28.49 5.85 2.71
CA TYR B 198 27.77 6.51 1.65
C TYR B 198 28.73 7.22 0.69
N GLN B 199 29.81 7.80 1.23
CA GLN B 199 30.85 8.38 0.39
C GLN B 199 31.49 7.30 -0.49
N LEU B 200 31.81 6.15 0.08
CA LEU B 200 32.35 5.07 -0.73
C LEU B 200 31.38 4.68 -1.84
N MET B 201 30.09 4.55 -1.52
CA MET B 201 29.12 4.24 -2.57
C MET B 201 29.11 5.31 -3.65
N THR B 202 29.11 6.58 -3.22
CA THR B 202 29.06 7.69 -4.17
C THR B 202 30.23 7.64 -5.14
N ASP B 203 31.44 7.42 -4.61
CA ASP B 203 32.62 7.30 -5.45
C ASP B 203 32.53 6.10 -6.39
N SER B 204 32.00 4.97 -5.92
CA SER B 204 31.92 3.78 -6.76
C SER B 204 31.04 4.03 -7.98
N VAL B 205 29.89 4.66 -7.77
CA VAL B 205 29.00 4.95 -8.88
C VAL B 205 29.61 6.01 -9.78
N SER B 206 30.27 7.02 -9.18
CA SER B 206 30.91 8.05 -9.99
C SER B 206 32.01 7.46 -10.85
N HIS B 207 32.79 6.53 -10.29
CA HIS B 207 33.87 5.95 -11.07
C HIS B 207 33.33 5.08 -12.22
N PHE B 208 32.33 4.24 -11.97
CA PHE B 208 31.69 3.52 -13.06
C PHE B 208 31.18 4.48 -14.13
N ALA B 209 30.55 5.59 -13.69
CA ALA B 209 29.96 6.53 -14.64
C ALA B 209 31.02 7.15 -15.54
N LYS B 210 32.14 7.59 -14.96
CA LYS B 210 33.18 8.25 -15.73
C LYS B 210 33.87 7.30 -16.70
N SER B 211 33.95 6.02 -16.36
CA SER B 211 34.58 5.08 -17.26
C SER B 211 33.66 4.62 -18.38
N HIS B 212 32.35 4.85 -18.26
CA HIS B 212 31.37 4.51 -19.29
C HIS B 212 30.46 5.69 -19.54
N PRO B 213 31.00 6.79 -20.08
CA PRO B 213 30.16 7.98 -20.33
C PRO B 213 28.96 7.70 -21.22
N GLY B 214 28.98 6.61 -22.00
CA GLY B 214 27.84 6.23 -22.81
C GLY B 214 26.68 5.62 -22.05
N ASN B 215 26.85 5.32 -20.77
CA ASN B 215 25.77 4.74 -19.95
C ASN B 215 24.98 5.91 -19.37
N LYS B 216 23.85 6.23 -20.00
CA LYS B 216 23.04 7.33 -19.50
C LYS B 216 22.47 7.00 -18.12
N ASN B 217 22.05 5.75 -17.91
CA ASN B 217 21.50 5.34 -16.62
C ASN B 217 22.42 5.74 -15.47
N PHE B 218 23.72 5.46 -15.61
CA PHE B 218 24.63 5.67 -14.50
C PHE B 218 25.15 7.10 -14.40
N GLN B 219 25.13 7.88 -15.49
CA GLN B 219 25.31 9.31 -15.32
C GLN B 219 24.26 9.84 -14.36
N GLU B 220 23.03 9.36 -14.51
CA GLU B 220 21.91 9.81 -13.70
C GLU B 220 22.05 9.29 -12.27
N ILE B 221 22.33 8.00 -12.12
CA ILE B 221 22.55 7.43 -10.80
C ILE B 221 23.69 8.16 -10.09
N ALA B 222 24.82 8.33 -10.78
CA ALA B 222 25.96 8.96 -10.12
C ALA B 222 25.61 10.38 -9.70
N ASN B 223 24.90 11.12 -10.56
CA ASN B 223 24.47 12.46 -10.19
C ASN B 223 23.62 12.43 -8.91
N ALA B 224 22.70 11.47 -8.82
CA ALA B 224 21.82 11.41 -7.66
C ALA B 224 22.60 11.12 -6.37
N PHE B 225 23.56 10.20 -6.42
CA PHE B 225 24.33 9.91 -5.20
C PHE B 225 25.11 11.13 -4.72
N GLN B 226 25.81 11.80 -5.65
CA GLN B 226 26.58 12.99 -5.29
C GLN B 226 25.68 14.02 -4.63
N PHE B 227 24.50 14.24 -5.20
CA PHE B 227 23.59 15.23 -4.62
C PHE B 227 23.24 14.88 -3.17
N SER B 228 22.77 13.65 -2.94
CA SER B 228 22.33 13.28 -1.60
C SER B 228 23.51 13.15 -0.65
N ASN B 229 24.63 12.62 -1.14
CA ASN B 229 25.82 12.57 -0.31
C ASN B 229 26.16 13.95 0.23
N GLU B 230 26.10 14.97 -0.63
CA GLU B 230 26.47 16.31 -0.20
C GLU B 230 25.37 16.94 0.65
N ALA B 231 24.12 16.85 0.21
CA ALA B 231 23.02 17.47 0.95
C ALA B 231 22.83 16.84 2.33
N SER B 232 23.02 15.52 2.46
CA SER B 232 22.75 14.86 3.73
C SER B 232 23.77 15.26 4.78
N ALA B 233 25.02 15.44 4.38
CA ALA B 233 26.06 15.91 5.29
C ALA B 233 26.10 15.05 6.55
N PHE B 234 26.22 13.74 6.36
CA PHE B 234 26.39 12.85 7.51
C PHE B 234 27.74 13.14 8.16
N LYS B 235 27.77 13.10 9.49
CA LYS B 235 29.03 13.21 10.21
C LYS B 235 29.49 11.84 10.71
N PHE B 236 28.70 11.16 11.51
CA PHE B 236 29.09 9.76 11.71
C PHE B 236 27.99 8.91 11.10
N SER B 237 26.95 8.69 11.89
CA SER B 237 25.69 8.19 11.36
C SER B 237 24.55 9.16 11.63
N THR B 238 24.87 10.46 11.70
CA THR B 238 23.89 11.52 11.98
C THR B 238 23.92 12.56 10.88
N PRO B 239 22.81 12.82 10.18
CA PRO B 239 22.79 13.93 9.22
C PRO B 239 22.94 15.28 9.92
N GLN B 240 23.75 16.15 9.33
CA GLN B 240 24.11 17.41 9.97
C GLN B 240 23.35 18.62 9.47
N ARG B 241 22.46 18.47 8.49
CA ARG B 241 21.65 19.57 7.99
C ARG B 241 20.19 19.19 8.03
N ASN B 242 19.73 18.72 9.18
CA ASN B 242 18.59 17.81 9.12
C ASN B 242 17.43 18.47 8.41
N PRO B 243 16.88 19.57 8.94
CA PRO B 243 15.74 20.20 8.27
C PRO B 243 16.03 20.46 6.78
N GLU B 244 17.09 21.22 6.47
CA GLU B 244 17.28 21.72 5.11
C GLU B 244 17.54 20.59 4.11
N ALA B 245 18.11 19.46 4.55
CA ALA B 245 18.48 18.40 3.62
C ALA B 245 17.26 17.71 3.01
N GLY B 246 16.24 17.46 3.82
CA GLY B 246 15.01 16.90 3.28
C GLY B 246 14.31 17.88 2.36
N ASN B 247 14.40 19.17 2.68
CA ASN B 247 13.92 20.20 1.77
C ASN B 247 14.63 20.13 0.42
N ASP B 248 15.97 20.01 0.44
CA ASP B 248 16.73 19.92 -0.80
C ASP B 248 16.34 18.68 -1.60
N LEU B 249 16.19 17.52 -0.92
CA LEU B 249 15.89 16.30 -1.66
C LEU B 249 14.44 16.29 -2.16
N ALA B 250 13.52 16.84 -1.37
CA ALA B 250 12.12 16.93 -1.80
C ALA B 250 12.00 17.78 -3.06
N ARG B 251 12.55 18.99 -3.02
CA ARG B 251 12.56 19.87 -4.18
C ARG B 251 13.14 19.17 -5.40
N ARG B 252 14.28 18.48 -5.25
CA ARG B 252 14.81 17.74 -6.38
C ARG B 252 13.81 16.69 -6.87
N ILE B 253 13.11 16.02 -5.97
CA ILE B 253 12.16 15.02 -6.43
C ILE B 253 10.99 15.66 -7.15
N GLN B 254 10.49 16.79 -6.62
CA GLN B 254 9.43 17.53 -7.31
C GLN B 254 9.86 17.91 -8.73
N GLY B 255 11.10 18.36 -8.88
CA GLY B 255 11.60 18.67 -10.21
C GLY B 255 11.69 17.48 -11.12
N GLY B 256 11.44 16.28 -10.61
CA GLY B 256 11.50 15.10 -11.46
C GLY B 256 12.91 14.65 -11.80
N GLU B 257 13.82 14.62 -10.81
CA GLU B 257 15.15 14.07 -10.95
C GLU B 257 15.33 12.86 -10.04
N LEU B 258 15.99 11.84 -10.55
CA LEU B 258 16.39 10.70 -9.75
C LEU B 258 17.04 11.14 -8.45
N THR B 259 16.54 10.64 -7.32
CA THR B 259 17.03 11.09 -6.03
C THR B 259 17.19 9.89 -5.10
N THR B 260 18.36 9.75 -4.48
CA THR B 260 18.54 8.75 -3.44
C THR B 260 18.23 9.35 -2.08
N ILE B 261 17.78 8.52 -1.16
CA ILE B 261 17.47 8.97 0.19
C ILE B 261 18.20 8.06 1.17
N PRO B 262 19.26 8.54 1.81
CA PRO B 262 19.88 7.77 2.89
C PRO B 262 18.86 7.43 3.95
N VAL B 263 18.76 6.14 4.29
CA VAL B 263 17.70 5.66 5.16
C VAL B 263 18.31 4.71 6.17
N SER B 264 17.84 4.82 7.42
CA SER B 264 18.34 4.01 8.52
C SER B 264 17.27 3.92 9.59
N CYS B 265 17.42 2.91 10.44
CA CYS B 265 16.76 2.81 11.72
C CYS B 265 17.86 2.50 12.74
N LYS B 266 17.48 2.29 13.99
CA LYS B 266 18.46 2.00 15.04
C LYS B 266 19.44 0.95 14.53
N GLY B 267 20.70 1.34 14.32
CA GLY B 267 21.78 0.42 14.01
C GLY B 267 21.61 -0.39 12.75
N HIS B 268 20.85 0.10 11.77
CA HIS B 268 20.69 -0.60 10.50
C HIS B 268 20.46 0.43 9.39
N ALA B 269 21.12 0.24 8.25
CA ALA B 269 20.91 1.05 7.06
C ALA B 269 20.10 0.29 6.02
N MET B 270 19.13 0.96 5.40
CA MET B 270 18.39 0.38 4.29
C MET B 270 18.76 1.09 2.98
N GLY B 271 18.02 0.80 1.93
CA GLY B 271 18.19 1.44 0.64
C GLY B 271 16.89 2.07 0.18
N LEU B 272 16.96 3.31 -0.30
CA LEU B 272 15.76 4.04 -0.67
C LEU B 272 16.05 5.03 -1.79
N SER B 273 15.23 5.02 -2.85
CA SER B 273 15.43 5.99 -3.93
C SER B 273 14.13 6.27 -4.67
N TYR B 274 14.10 7.42 -5.35
CA TYR B 274 12.96 7.86 -6.15
C TYR B 274 13.37 8.03 -7.61
N VAL B 275 12.69 7.29 -8.50
CA VAL B 275 12.96 7.35 -9.93
C VAL B 275 11.77 8.04 -10.60
N PRO B 276 11.96 9.21 -11.21
CA PRO B 276 10.81 9.91 -11.82
C PRO B 276 10.48 9.36 -13.19
N ASP B 277 9.18 9.43 -13.52
CA ASP B 277 8.74 9.01 -14.85
C ASP B 277 9.52 9.73 -15.94
N GLY B 278 9.73 11.02 -15.76
CA GLY B 278 10.54 11.79 -16.66
C GLY B 278 10.75 13.16 -16.06
N PRO B 279 11.60 13.98 -16.70
CA PRO B 279 11.84 15.34 -16.20
C PRO B 279 10.53 16.11 -16.08
N GLY B 280 10.40 16.85 -14.97
CA GLY B 280 9.17 17.58 -14.70
C GLY B 280 7.96 16.73 -14.40
N SER B 281 8.09 15.40 -14.33
CA SER B 281 6.95 14.57 -13.96
C SER B 281 6.69 14.66 -12.46
N LYS B 282 5.44 14.45 -12.07
CA LYS B 282 5.10 14.38 -10.66
C LYS B 282 4.81 12.96 -10.22
N SER B 283 5.09 11.99 -11.07
CA SER B 283 4.91 10.59 -10.77
C SER B 283 6.22 9.88 -11.08
N GLY B 284 6.32 8.66 -10.58
CA GLY B 284 7.50 7.84 -10.72
C GLY B 284 7.44 6.63 -9.81
N TYR B 285 8.57 6.27 -9.21
CA TYR B 285 8.65 5.05 -8.41
C TYR B 285 9.51 5.29 -7.19
N LEU B 286 9.09 4.70 -6.06
CA LEU B 286 9.89 4.67 -4.85
C LEU B 286 10.46 3.26 -4.71
N VAL B 287 11.79 3.18 -4.61
CA VAL B 287 12.52 1.92 -4.60
C VAL B 287 13.10 1.71 -3.21
N TYR B 288 12.72 0.62 -2.56
CA TYR B 288 13.14 0.32 -1.18
C TYR B 288 13.90 -1.00 -1.13
N THR B 289 15.03 -1.01 -0.42
CA THR B 289 15.85 -2.22 -0.34
C THR B 289 16.22 -2.54 1.11
N ASN B 290 15.95 -3.78 1.51
CA ASN B 290 16.50 -4.31 2.75
C ASN B 290 16.72 -5.81 2.57
N ARG B 291 17.99 -6.20 2.51
CA ARG B 291 18.43 -7.59 2.44
C ARG B 291 18.86 -8.12 3.79
N GLY B 292 18.67 -7.35 4.86
CA GLY B 292 19.17 -7.75 6.16
C GLY B 292 18.12 -7.58 7.23
N LEU B 293 18.60 -7.17 8.41
CA LEU B 293 17.80 -7.15 9.61
C LEU B 293 16.47 -6.43 9.41
N GLY B 294 15.39 -7.05 9.91
CA GLY B 294 14.07 -6.47 9.87
C GLY B 294 13.23 -6.91 8.70
N ALA B 295 13.85 -7.41 7.63
CA ALA B 295 13.09 -7.98 6.53
C ALA B 295 13.02 -9.49 6.72
N LYS B 296 11.85 -10.06 6.47
CA LYS B 296 11.74 -11.51 6.53
C LYS B 296 12.49 -12.13 5.35
N SER B 297 12.81 -13.43 5.49
CA SER B 297 13.61 -14.11 4.49
C SER B 297 12.98 -14.02 3.10
N SER B 298 11.65 -14.05 3.03
CA SER B 298 10.99 -14.08 1.73
C SER B 298 11.00 -12.71 1.05
N GLU B 299 11.07 -11.63 1.82
CA GLU B 299 11.07 -10.28 1.27
C GLU B 299 12.48 -9.68 1.11
N HIS B 300 13.53 -10.45 1.38
CA HIS B 300 14.90 -9.96 1.20
C HIS B 300 15.11 -9.45 -0.21
N GLY B 301 15.50 -8.20 -0.33
CA GLY B 301 15.72 -7.61 -1.63
C GLY B 301 15.06 -6.25 -1.77
N THR B 302 14.61 -5.96 -2.98
CA THR B 302 14.17 -4.62 -3.36
C THR B 302 12.70 -4.64 -3.74
N HIS B 303 11.96 -3.64 -3.29
CA HIS B 303 10.53 -3.52 -3.53
C HIS B 303 10.24 -2.18 -4.20
N ILE B 304 9.53 -2.21 -5.32
CA ILE B 304 9.25 -1.01 -6.10
C ILE B 304 7.79 -0.62 -5.92
N PHE B 305 7.57 0.60 -5.44
CA PHE B 305 6.26 1.19 -5.26
C PHE B 305 5.98 2.20 -6.36
N ARG B 306 4.71 2.35 -6.72
CA ARG B 306 4.32 3.35 -7.72
C ARG B 306 3.92 4.65 -7.02
N ILE B 307 4.52 5.75 -7.45
CA ILE B 307 4.28 7.06 -6.87
C ILE B 307 3.57 7.91 -7.92
N GLU B 308 2.29 8.19 -7.70
CA GLU B 308 1.55 8.99 -8.65
C GLU B 308 1.58 10.48 -8.34
N ASP B 309 1.82 10.83 -7.09
CA ASP B 309 2.05 12.21 -6.67
C ASP B 309 3.35 12.24 -5.86
N SER B 310 4.43 12.70 -6.50
CA SER B 310 5.72 12.80 -5.83
C SER B 310 5.67 13.69 -4.59
N SER B 311 4.65 14.54 -4.46
CA SER B 311 4.61 15.47 -3.34
C SER B 311 4.34 14.77 -2.00
N LYS B 312 3.86 13.52 -2.02
CA LYS B 312 3.70 12.74 -0.79
C LYS B 312 5.05 12.34 -0.18
N ILE B 313 6.13 12.51 -0.92
CA ILE B 313 7.48 12.28 -0.39
C ILE B 313 7.94 13.62 0.18
N THR B 314 7.51 13.87 1.40
CA THR B 314 7.66 15.19 2.00
C THR B 314 9.05 15.40 2.59
N PRO B 315 9.46 16.67 2.73
CA PRO B 315 10.70 16.97 3.47
C PRO B 315 10.78 16.33 4.85
N GLU B 316 9.64 16.23 5.55
CA GLU B 316 9.63 15.61 6.87
C GLU B 316 9.90 14.12 6.78
N PHE B 317 9.28 13.46 5.81
CA PHE B 317 9.56 12.04 5.56
C PHE B 317 11.03 11.82 5.24
N ILE B 318 11.59 12.59 4.32
CA ILE B 318 13.01 12.45 3.98
C ILE B 318 13.89 12.67 5.19
N ASN B 319 13.57 13.69 5.99
CA ASN B 319 14.36 13.99 7.18
C ASN B 319 14.32 12.85 8.18
N ASN B 320 13.13 12.28 8.41
CA ASN B 320 13.02 11.12 9.28
C ASN B 320 13.83 9.96 8.74
N MET B 321 13.86 9.78 7.43
CA MET B 321 14.61 8.67 6.86
C MET B 321 16.10 8.80 7.17
N THR B 322 16.66 10.00 6.96
CA THR B 322 18.09 10.20 7.17
C THR B 322 18.46 10.20 8.64
N SER B 323 17.50 10.52 9.51
CA SER B 323 17.73 10.63 10.94
C SER B 323 17.28 9.40 11.71
N GLY B 324 16.85 8.35 11.03
CA GLY B 324 16.27 7.20 11.74
C GLY B 324 17.18 6.65 12.82
N HIS B 325 18.46 6.40 12.49
CA HIS B 325 19.36 5.82 13.48
C HIS B 325 19.54 6.74 14.68
N SER B 326 19.82 8.03 14.44
CA SER B 326 20.15 8.94 15.53
C SER B 326 18.95 9.26 16.39
N ASN B 327 17.75 9.28 15.80
CA ASN B 327 16.52 9.53 16.53
C ASN B 327 16.01 8.32 17.26
N GLY B 328 16.61 7.14 17.04
CA GLY B 328 16.12 5.93 17.67
C GLY B 328 14.89 5.30 17.05
N ALA B 329 14.60 5.60 15.78
CA ALA B 329 13.45 4.99 15.14
C ALA B 329 13.59 3.47 15.03
N SER B 330 12.50 2.75 15.30
CA SER B 330 12.51 1.32 15.06
C SER B 330 12.39 1.03 13.56
N HIS B 331 12.67 -0.22 13.20
CA HIS B 331 12.51 -0.64 11.82
C HIS B 331 11.06 -0.49 11.36
N ASP B 332 10.11 -0.87 12.22
CA ASP B 332 8.71 -0.79 11.82
C ASP B 332 8.23 0.66 11.69
N GLU B 333 8.76 1.59 12.48
CA GLU B 333 8.37 2.98 12.34
C GLU B 333 8.91 3.57 11.05
N ILE B 334 10.12 3.19 10.65
CA ILE B 334 10.62 3.59 9.35
C ILE B 334 9.76 2.99 8.25
N MET B 335 9.56 1.67 8.31
CA MET B 335 8.85 0.98 7.25
C MET B 335 7.44 1.52 7.07
N SER B 336 6.74 1.78 8.17
CA SER B 336 5.39 2.30 8.04
C SER B 336 5.38 3.68 7.40
N GLN B 337 6.37 4.53 7.73
CA GLN B 337 6.43 5.83 7.08
C GLN B 337 6.68 5.66 5.58
N ILE B 338 7.50 4.69 5.20
CA ILE B 338 7.77 4.46 3.78
C ILE B 338 6.50 4.04 3.06
N LYS B 339 5.77 3.07 3.63
CA LYS B 339 4.53 2.63 3.00
C LYS B 339 3.52 3.78 2.94
N ALA B 340 3.49 4.63 3.97
CA ALA B 340 2.61 5.78 3.96
C ALA B 340 2.95 6.73 2.82
N ALA B 341 4.25 7.00 2.64
CA ALA B 341 4.68 7.79 1.48
C ALA B 341 4.24 7.15 0.17
N ALA B 342 4.08 5.82 0.15
CA ALA B 342 3.62 5.10 -1.01
C ALA B 342 2.08 4.94 -1.03
N GLY B 343 1.36 5.78 -0.28
CA GLY B 343 -0.09 5.66 -0.17
C GLY B 343 -0.57 4.36 0.41
N ASN B 344 0.27 3.67 1.18
CA ASN B 344 -0.09 2.38 1.78
C ASN B 344 -0.60 1.39 0.76
N LYS B 345 -0.19 1.56 -0.50
CA LYS B 345 -0.43 0.59 -1.55
C LYS B 345 0.69 -0.45 -1.58
N GLU B 346 0.38 -1.63 -2.08
CA GLU B 346 1.36 -2.70 -2.15
C GLU B 346 2.36 -2.44 -3.26
N PRO B 347 3.58 -2.96 -3.14
CA PRO B 347 4.58 -2.75 -4.19
C PRO B 347 4.15 -3.40 -5.48
N ILE B 348 4.63 -2.85 -6.60
CA ILE B 348 4.30 -3.41 -7.90
C ILE B 348 5.31 -4.43 -8.38
N HIS B 349 6.50 -4.46 -7.78
CA HIS B 349 7.51 -5.42 -8.19
C HIS B 349 8.44 -5.72 -7.02
N HIS B 350 9.00 -6.93 -7.02
CA HIS B 350 9.94 -7.37 -6.00
C HIS B 350 11.11 -8.03 -6.70
N ILE B 351 12.32 -7.55 -6.42
CA ILE B 351 13.56 -8.17 -6.89
C ILE B 351 14.15 -8.90 -5.71
N LYS B 352 14.18 -10.24 -5.77
CA LYS B 352 14.78 -11.02 -4.70
C LYS B 352 16.30 -10.87 -4.75
N GLN B 353 16.91 -10.58 -3.61
CA GLN B 353 18.35 -10.42 -3.55
C GLN B 353 18.85 -11.16 -2.31
N LYS B 354 20.10 -11.61 -2.39
CA LYS B 354 20.69 -12.47 -1.38
C LYS B 354 20.58 -11.86 0.02
N GLY B 355 20.27 -12.70 1.01
CA GLY B 355 20.15 -12.22 2.37
C GLY B 355 21.50 -11.91 2.98
N GLN B 356 21.49 -10.98 3.96
CA GLN B 356 22.66 -10.58 4.73
C GLN B 356 22.34 -10.67 6.22
N LYS B 357 23.35 -11.01 7.02
CA LYS B 357 23.20 -11.09 8.46
C LYS B 357 24.44 -10.53 9.13
N ASN B 358 24.29 -10.04 10.38
CA ASN B 358 25.45 -9.55 11.19
C ASN B 358 26.21 -8.44 10.47
N ASP B 359 25.47 -7.45 9.99
CA ASP B 359 26.04 -6.30 9.26
C ASP B 359 24.92 -5.28 9.18
N ASN B 360 25.22 -4.00 9.34
CA ASN B 360 24.15 -3.01 9.20
C ASN B 360 23.93 -2.59 7.74
N CYS B 361 24.57 -3.26 6.79
CA CYS B 361 24.16 -3.23 5.37
C CYS B 361 24.33 -1.86 4.71
N THR B 362 25.29 -1.07 5.18
CA THR B 362 25.49 0.26 4.64
C THR B 362 25.85 0.21 3.16
N ILE B 363 26.67 -0.75 2.76
CA ILE B 363 26.93 -0.97 1.35
C ILE B 363 25.87 -1.87 0.72
N ALA B 364 25.52 -2.96 1.40
CA ALA B 364 24.71 -4.00 0.77
C ALA B 364 23.38 -3.45 0.27
N ASN B 365 22.71 -2.62 1.08
CA ASN B 365 21.37 -2.20 0.75
C ASN B 365 21.33 -1.02 -0.22
N SER B 366 22.25 -0.05 -0.09
CA SER B 366 22.29 1.02 -1.08
C SER B 366 22.77 0.50 -2.43
N LYS B 367 23.72 -0.44 -2.42
CA LYS B 367 24.18 -1.01 -3.68
C LYS B 367 23.08 -1.77 -4.37
N SER B 368 22.47 -2.74 -3.68
CA SER B 368 21.44 -3.55 -4.34
C SER B 368 20.24 -2.70 -4.76
N ASN B 369 20.01 -1.58 -4.08
CA ASN B 369 18.95 -0.65 -4.44
C ASN B 369 19.09 -0.13 -5.87
N ILE B 370 20.31 -0.16 -6.41
CA ILE B 370 20.58 0.31 -7.77
C ILE B 370 19.99 -0.64 -8.81
N GLU B 371 19.94 -1.95 -8.53
CA GLU B 371 19.23 -2.86 -9.42
C GLU B 371 17.77 -2.43 -9.57
N GLY B 372 17.15 -1.97 -8.48
CA GLY B 372 15.81 -1.44 -8.57
C GLY B 372 15.74 -0.16 -9.38
N ILE B 373 16.76 0.70 -9.25
CA ILE B 373 16.76 1.94 -10.03
C ILE B 373 16.84 1.62 -11.52
N LEU B 374 17.79 0.76 -11.90
CA LEU B 374 17.92 0.37 -13.29
C LEU B 374 16.62 -0.23 -13.81
N LEU B 375 15.94 -1.04 -13.01
CA LEU B 375 14.66 -1.61 -13.45
C LEU B 375 13.64 -0.51 -13.72
N CYS B 376 13.59 0.53 -12.88
CA CYS B 376 12.63 1.60 -13.08
C CYS B 376 13.01 2.48 -14.27
N GLN B 377 14.31 2.65 -14.51
CA GLN B 377 14.73 3.40 -15.70
C GLN B 377 14.30 2.67 -16.97
N LYS B 378 14.37 1.34 -16.99
CA LYS B 378 13.97 0.58 -18.17
C LYS B 378 12.44 0.54 -18.31
N ALA B 379 11.72 0.28 -17.22
CA ALA B 379 10.26 0.37 -17.24
C ALA B 379 9.82 1.73 -17.79
N ARG B 380 10.46 2.79 -17.31
CA ARG B 380 10.17 4.13 -17.78
C ARG B 380 10.37 4.26 -19.29
N GLU B 381 11.36 3.56 -19.85
CA GLU B 381 11.64 3.68 -21.27
C GLU B 381 10.72 2.82 -22.14
N VAL B 382 10.06 1.81 -21.57
CA VAL B 382 9.18 0.94 -22.36
C VAL B 382 7.71 1.22 -22.08
N GLY B 383 7.38 2.35 -21.46
CA GLY B 383 6.00 2.71 -21.21
C GLY B 383 5.39 2.15 -19.95
N GLY B 384 6.18 1.70 -18.99
CA GLY B 384 5.63 1.25 -17.73
C GLY B 384 5.92 -0.21 -17.42
N PHE B 385 5.76 -0.59 -16.15
CA PHE B 385 6.01 -1.98 -15.76
C PHE B 385 5.08 -2.94 -16.49
N ASP B 386 3.93 -2.46 -16.94
CA ASP B 386 3.02 -3.26 -17.76
C ASP B 386 3.76 -3.87 -18.94
N LYS B 387 4.65 -3.10 -19.56
CA LYS B 387 5.20 -3.43 -20.88
C LYS B 387 6.64 -3.92 -20.82
N LEU B 388 7.02 -4.58 -19.73
CA LEU B 388 8.39 -5.10 -19.59
C LEU B 388 8.44 -6.54 -20.08
N THR B 389 9.41 -6.83 -20.95
CA THR B 389 9.56 -8.15 -21.52
C THR B 389 10.67 -8.91 -20.80
N GLU B 390 10.66 -10.23 -20.98
CA GLU B 390 11.70 -11.05 -20.36
C GLU B 390 13.09 -10.67 -20.84
N SER B 391 13.22 -10.22 -22.09
CA SER B 391 14.52 -9.74 -22.53
C SER B 391 14.83 -8.38 -21.93
N ASP B 392 13.81 -7.59 -21.61
CA ASP B 392 14.02 -6.36 -20.85
C ASP B 392 14.57 -6.67 -19.46
N MET B 393 13.98 -7.65 -18.78
CA MET B 393 14.46 -8.04 -17.46
C MET B 393 15.91 -8.51 -17.53
N ASP B 394 16.21 -9.46 -18.42
CA ASP B 394 17.60 -9.91 -18.53
C ASP B 394 18.53 -8.75 -18.86
N SER B 395 18.04 -7.77 -19.62
CA SER B 395 18.85 -6.60 -19.95
C SER B 395 19.22 -5.81 -18.70
N VAL B 396 18.28 -5.64 -17.77
CA VAL B 396 18.54 -4.91 -16.53
C VAL B 396 19.52 -5.66 -15.65
N LYS B 397 19.29 -6.98 -15.46
CA LYS B 397 20.24 -7.77 -14.70
C LYS B 397 21.62 -7.65 -15.29
N LYS B 398 21.71 -7.63 -16.62
CA LYS B 398 23.01 -7.60 -17.28
C LYS B 398 23.79 -6.35 -16.90
N GLU B 399 23.13 -5.18 -16.95
CA GLU B 399 23.87 -3.96 -16.66
C GLU B 399 24.09 -3.78 -15.16
N TYR B 400 23.21 -4.32 -14.31
CA TYR B 400 23.52 -4.36 -12.88
C TYR B 400 24.78 -5.17 -12.63
N LYS B 401 24.84 -6.40 -13.15
CA LYS B 401 26.03 -7.23 -12.98
C LYS B 401 27.26 -6.51 -13.53
N GLU B 402 27.12 -5.80 -14.65
CA GLU B 402 28.25 -5.06 -15.18
C GLU B 402 28.77 -4.04 -14.17
N PHE B 403 27.86 -3.41 -13.42
CA PHE B 403 28.27 -2.46 -12.39
C PHE B 403 28.94 -3.18 -11.22
N THR B 404 28.27 -4.18 -10.63
CA THR B 404 28.88 -4.86 -9.48
C THR B 404 30.16 -5.57 -9.88
N LYS B 405 30.19 -6.15 -11.09
CA LYS B 405 31.44 -6.69 -11.59
C LYS B 405 32.52 -5.62 -11.60
N HIS B 406 32.19 -4.44 -12.12
CA HIS B 406 33.16 -3.35 -12.16
C HIS B 406 33.65 -2.99 -10.77
N MET B 407 32.72 -2.72 -9.86
CA MET B 407 33.06 -2.41 -8.47
C MET B 407 33.93 -3.50 -7.84
N ARG B 408 33.56 -4.77 -8.04
CA ARG B 408 34.34 -5.88 -7.49
C ARG B 408 35.77 -5.86 -8.01
N VAL B 409 35.92 -5.71 -9.33
CA VAL B 409 37.23 -5.77 -9.94
C VAL B 409 38.11 -4.61 -9.49
N GLU B 410 37.55 -3.39 -9.41
CA GLU B 410 38.32 -2.25 -8.93
C GLU B 410 38.85 -2.52 -7.54
N LYS B 411 37.99 -3.02 -6.65
CA LYS B 411 38.38 -3.19 -5.25
C LYS B 411 39.36 -4.34 -5.10
N VAL B 412 39.21 -5.40 -5.88
CA VAL B 412 40.21 -6.47 -5.88
C VAL B 412 41.56 -5.92 -6.31
N ASN B 413 41.58 -5.14 -7.39
CA ASN B 413 42.86 -4.62 -7.88
C ASN B 413 43.46 -3.64 -6.88
N GLU B 414 42.62 -2.86 -6.21
CA GLU B 414 43.09 -1.92 -5.19
C GLU B 414 43.70 -2.64 -3.98
N LEU B 415 43.13 -3.79 -3.59
CA LEU B 415 43.71 -4.57 -2.49
C LEU B 415 45.05 -5.17 -2.90
N ALA B 416 45.08 -5.83 -4.07
CA ALA B 416 46.35 -6.38 -4.56
C ALA B 416 47.40 -5.30 -4.68
N LYS B 417 47.02 -4.11 -5.18
CA LYS B 417 47.95 -3.00 -5.28
C LYS B 417 48.39 -2.53 -3.90
N ALA B 418 47.45 -2.32 -2.99
CA ALA B 418 47.83 -1.88 -1.64
C ALA B 418 48.74 -2.90 -0.97
N LEU B 419 48.46 -4.19 -1.16
CA LEU B 419 49.31 -5.23 -0.57
C LEU B 419 50.72 -5.17 -1.15
N LYS B 420 50.85 -5.07 -2.47
CA LYS B 420 52.18 -4.92 -3.06
C LYS B 420 52.90 -3.71 -2.49
N GLU B 421 52.19 -2.62 -2.27
CA GLU B 421 52.84 -1.39 -1.83
C GLU B 421 53.20 -1.40 -0.36
N ASN B 422 52.60 -2.30 0.42
CA ASN B 422 52.82 -2.36 1.87
C ASN B 422 52.88 -3.83 2.29
N PRO B 423 53.85 -4.58 1.76
CA PRO B 423 53.79 -6.05 1.81
C PRO B 423 53.90 -6.65 3.21
N GLN B 424 54.22 -5.87 4.22
CA GLN B 424 54.36 -6.38 5.57
C GLN B 424 53.15 -6.06 6.45
N ASP B 425 52.18 -5.31 5.93
CA ASP B 425 51.05 -4.89 6.76
C ASP B 425 50.17 -6.09 7.11
N PRO B 426 49.92 -6.33 8.39
CA PRO B 426 49.12 -7.51 8.79
C PRO B 426 47.70 -7.49 8.25
N ASP B 427 47.02 -6.34 8.29
CA ASP B 427 45.62 -6.29 7.85
C ASP B 427 45.49 -6.52 6.35
N LEU B 428 46.38 -5.92 5.55
CA LEU B 428 46.29 -6.16 4.11
C LEU B 428 46.55 -7.62 3.77
N ASN B 429 47.50 -8.24 4.49
CA ASN B 429 47.78 -9.65 4.28
C ASN B 429 46.58 -10.52 4.68
N ASN B 430 46.02 -10.26 5.85
CA ASN B 430 44.87 -11.03 6.31
C ASN B 430 43.66 -10.83 5.42
N LEU B 431 43.41 -9.60 4.95
CA LEU B 431 42.28 -9.36 4.06
C LEU B 431 42.43 -10.17 2.78
N THR B 432 43.65 -10.24 2.25
CA THR B 432 43.87 -10.96 1.01
C THR B 432 43.70 -12.46 1.22
N LYS B 433 44.38 -13.03 2.21
CA LYS B 433 44.17 -14.45 2.51
C LYS B 433 42.70 -14.74 2.77
N GLU B 434 42.05 -13.92 3.59
CA GLU B 434 40.66 -14.21 3.90
C GLU B 434 39.77 -14.06 2.66
N TYR B 435 40.12 -13.17 1.72
CA TYR B 435 39.34 -13.15 0.48
C TYR B 435 39.47 -14.48 -0.24
N LEU B 436 40.70 -15.00 -0.37
CA LEU B 436 40.90 -16.22 -1.12
C LEU B 436 40.21 -17.41 -0.44
N LYS B 437 40.16 -17.41 0.89
CA LYS B 437 39.50 -18.50 1.59
C LYS B 437 37.99 -18.39 1.54
N GLN B 438 37.43 -17.18 1.50
CA GLN B 438 35.99 -17.01 1.59
C GLN B 438 35.31 -16.85 0.23
N HIS B 439 36.05 -16.87 -0.87
CA HIS B 439 35.46 -16.79 -2.21
C HIS B 439 36.07 -17.86 -3.10
N PRO B 440 35.85 -19.14 -2.75
CA PRO B 440 36.39 -20.23 -3.57
C PRO B 440 35.95 -20.17 -5.03
N ASN B 441 34.76 -19.65 -5.31
CA ASN B 441 34.20 -19.66 -6.66
C ASN B 441 34.42 -18.36 -7.40
N ALA B 442 35.25 -17.46 -6.88
CA ALA B 442 35.47 -16.19 -7.55
C ALA B 442 36.12 -16.40 -8.92
N ASP B 443 35.99 -15.38 -9.75
CA ASP B 443 36.62 -15.37 -11.07
C ASP B 443 38.10 -15.72 -10.95
N PRO B 444 38.61 -16.65 -11.77
CA PRO B 444 40.02 -17.05 -11.62
C PRO B 444 41.01 -15.91 -11.85
N LYS B 445 40.65 -14.92 -12.65
CA LYS B 445 41.56 -13.79 -12.86
C LYS B 445 41.70 -12.96 -11.58
N LEU B 446 40.59 -12.79 -10.84
CA LEU B 446 40.66 -12.10 -9.55
C LEU B 446 41.52 -12.88 -8.57
N LYS B 447 41.30 -14.19 -8.48
CA LYS B 447 42.10 -15.02 -7.59
C LYS B 447 43.58 -14.90 -7.92
N GLN B 448 43.93 -15.02 -9.20
CA GLN B 448 45.34 -14.95 -9.58
C GLN B 448 45.93 -13.59 -9.25
N THR B 449 45.15 -12.52 -9.48
CA THR B 449 45.61 -11.18 -9.12
C THR B 449 46.01 -11.09 -7.66
N LEU B 450 45.20 -11.67 -6.76
CA LEU B 450 45.52 -11.58 -5.33
C LEU B 450 46.59 -12.57 -4.91
N GLU B 451 46.62 -13.74 -5.55
CA GLU B 451 47.68 -14.71 -5.26
C GLU B 451 49.05 -14.20 -5.66
N THR B 452 49.18 -13.66 -6.88
CA THR B 452 50.48 -13.14 -7.29
C THR B 452 50.90 -11.96 -6.42
N ALA B 453 49.92 -11.20 -5.90
CA ALA B 453 50.26 -10.11 -4.99
C ALA B 453 50.72 -10.65 -3.64
N LEU B 454 50.11 -11.75 -3.18
CA LEU B 454 50.58 -12.39 -1.95
C LEU B 454 51.98 -12.97 -2.13
N LYS B 455 52.24 -13.59 -3.29
CA LYS B 455 53.57 -14.11 -3.56
C LYS B 455 54.61 -13.00 -3.56
N GLN B 456 54.28 -11.86 -4.19
CA GLN B 456 55.19 -10.70 -4.14
C GLN B 456 55.39 -10.22 -2.70
N ALA B 457 54.32 -10.23 -1.89
CA ALA B 457 54.44 -9.75 -0.52
C ALA B 457 55.36 -10.64 0.31
N SER B 458 55.46 -11.92 -0.03
CA SER B 458 56.32 -12.82 0.73
C SER B 458 57.79 -12.55 0.45
N GLU B 459 58.14 -12.34 -0.82
CA GLU B 459 59.51 -12.09 -1.31
C GLU B 459 59.80 -10.61 -1.01
N SER B 460 59.58 -10.06 0.18
CA SER B 460 60.19 -8.80 0.61
C SER B 460 60.71 -8.87 2.05
#